data_1W4K
#
_entry.id   1W4K
#
_cell.length_a   1.000
_cell.length_b   1.000
_cell.length_c   1.000
_cell.angle_alpha   90.00
_cell.angle_beta   90.00
_cell.angle_gamma   90.00
#
_symmetry.space_group_name_H-M   'P 1'
#
_entity_poly.entity_id   1
_entity_poly.type   'polypeptide(L)'
_entity_poly.pdbx_seq_one_letter_code
;GSREVAAMPAARRLAKELGIDASKVKGTGPGGVITVEDVKRWAEETAKATA
;
_entity_poly.pdbx_strand_id   A
#
# COMPACT_ATOMS: atom_id res chain seq x y z
N GLY A 1 7.93 -7.38 20.82
CA GLY A 1 6.48 -7.25 20.52
C GLY A 1 6.22 -6.92 19.06
N SER A 2 5.31 -5.99 18.81
CA SER A 2 4.97 -5.59 17.46
C SER A 2 4.98 -4.07 17.31
N ARG A 3 5.43 -3.60 16.16
CA ARG A 3 5.50 -2.16 15.90
C ARG A 3 4.31 -1.70 15.05
N GLU A 4 3.23 -2.49 15.09
CA GLU A 4 2.02 -2.15 14.34
C GLU A 4 2.34 -2.00 12.84
N VAL A 5 1.29 -1.93 12.03
CA VAL A 5 1.46 -1.78 10.58
C VAL A 5 1.81 -0.34 10.23
N ALA A 6 2.91 -0.18 9.50
CA ALA A 6 3.35 1.15 9.08
C ALA A 6 2.89 1.47 7.67
N ALA A 7 2.71 2.75 7.39
CA ALA A 7 2.29 3.21 6.07
C ALA A 7 2.78 4.62 5.81
N MET A 8 3.94 4.73 5.15
CA MET A 8 4.51 6.04 4.84
C MET A 8 3.46 6.99 4.27
N PRO A 9 3.77 8.30 4.19
CA PRO A 9 2.84 9.32 3.69
C PRO A 9 2.49 9.13 2.22
N ALA A 10 3.52 8.97 1.39
CA ALA A 10 3.33 8.79 -0.04
C ALA A 10 2.36 7.65 -0.34
N ALA A 11 2.59 6.50 0.29
CA ALA A 11 1.75 5.33 0.10
C ALA A 11 0.39 5.53 0.74
N ARG A 12 0.38 6.23 1.86
CA ARG A 12 -0.85 6.51 2.59
C ARG A 12 -1.74 7.46 1.78
N ARG A 13 -1.12 8.51 1.25
CA ARG A 13 -1.83 9.49 0.46
C ARG A 13 -2.46 8.86 -0.77
N LEU A 14 -1.63 8.19 -1.58
CA LEU A 14 -2.10 7.54 -2.77
C LEU A 14 -3.11 6.46 -2.44
N ALA A 15 -2.85 5.71 -1.36
CA ALA A 15 -3.75 4.64 -0.94
C ALA A 15 -5.15 5.18 -0.70
N LYS A 16 -5.23 6.38 -0.11
CA LYS A 16 -6.51 7.00 0.19
C LYS A 16 -7.12 7.61 -1.06
N GLU A 17 -6.27 8.04 -1.99
CA GLU A 17 -6.74 8.64 -3.24
C GLU A 17 -7.13 7.58 -4.25
N LEU A 18 -6.53 6.40 -4.12
CA LEU A 18 -6.80 5.28 -5.01
C LEU A 18 -7.95 4.43 -4.48
N GLY A 19 -8.11 4.42 -3.16
CA GLY A 19 -9.16 3.64 -2.55
C GLY A 19 -8.77 2.19 -2.38
N ILE A 20 -7.52 1.97 -1.97
CA ILE A 20 -6.99 0.63 -1.78
C ILE A 20 -6.59 0.40 -0.32
N ASP A 21 -7.09 -0.67 0.27
CA ASP A 21 -6.78 -0.99 1.66
C ASP A 21 -5.27 -1.17 1.85
N ALA A 22 -4.62 -0.17 2.42
CA ALA A 22 -3.19 -0.22 2.65
C ALA A 22 -2.82 -1.43 3.51
N SER A 23 -3.64 -1.71 4.52
CA SER A 23 -3.40 -2.84 5.41
C SER A 23 -3.30 -4.13 4.59
N LYS A 24 -4.27 -4.35 3.72
CA LYS A 24 -4.26 -5.53 2.87
C LYS A 24 -2.96 -5.55 2.06
N VAL A 25 -2.43 -4.36 1.79
CA VAL A 25 -1.18 -4.23 1.05
C VAL A 25 0.01 -4.39 1.99
N LYS A 26 0.40 -5.65 2.21
CA LYS A 26 1.51 -5.97 3.09
C LYS A 26 2.76 -5.14 2.74
N GLY A 27 2.90 -4.00 3.41
CA GLY A 27 4.04 -3.13 3.16
C GLY A 27 5.35 -3.76 3.57
N THR A 28 6.40 -3.52 2.78
CA THR A 28 7.72 -4.06 3.06
C THR A 28 8.75 -2.95 3.29
N GLY A 29 8.25 -1.72 3.47
CA GLY A 29 9.15 -0.60 3.68
C GLY A 29 9.79 -0.63 5.06
N PRO A 30 10.97 0.01 5.20
CA PRO A 30 11.70 0.07 6.49
C PRO A 30 10.79 0.39 7.66
N GLY A 31 10.53 -0.62 8.49
CA GLY A 31 9.68 -0.44 9.65
C GLY A 31 8.25 -0.89 9.39
N GLY A 32 8.07 -1.71 8.35
CA GLY A 32 6.75 -2.19 8.02
C GLY A 32 5.90 -1.14 7.32
N VAL A 33 6.54 -0.15 6.71
CA VAL A 33 5.81 0.90 6.03
C VAL A 33 5.49 0.51 4.60
N ILE A 34 4.23 0.54 4.23
CA ILE A 34 3.84 0.23 2.87
C ILE A 34 4.43 1.26 1.95
N THR A 35 5.39 0.85 1.14
CA THR A 35 6.07 1.77 0.25
C THR A 35 5.20 2.14 -0.94
N VAL A 36 5.49 3.29 -1.52
CA VAL A 36 4.72 3.77 -2.67
C VAL A 36 4.67 2.73 -3.78
N GLU A 37 5.81 2.12 -4.04
CA GLU A 37 5.91 1.09 -5.06
C GLU A 37 5.04 -0.11 -4.68
N ASP A 38 4.86 -0.29 -3.39
CA ASP A 38 4.05 -1.39 -2.88
C ASP A 38 2.58 -1.17 -3.21
N VAL A 39 2.09 0.03 -2.91
CA VAL A 39 0.70 0.37 -3.16
C VAL A 39 0.45 0.55 -4.65
N LYS A 40 1.40 1.20 -5.34
CA LYS A 40 1.26 1.43 -6.77
C LYS A 40 1.13 0.12 -7.54
N ARG A 41 2.02 -0.82 -7.24
CA ARG A 41 2.00 -2.11 -7.89
C ARG A 41 0.77 -2.92 -7.50
N TRP A 42 0.44 -2.90 -6.22
CA TRP A 42 -0.72 -3.64 -5.71
C TRP A 42 -2.03 -3.10 -6.28
N ALA A 43 -2.21 -1.79 -6.21
CA ALA A 43 -3.42 -1.15 -6.70
C ALA A 43 -3.58 -1.34 -8.21
N GLU A 44 -2.48 -1.15 -8.95
CA GLU A 44 -2.51 -1.30 -10.40
C GLU A 44 -2.84 -2.73 -10.80
N GLU A 45 -2.33 -3.69 -10.02
CA GLU A 45 -2.57 -5.10 -10.29
C GLU A 45 -4.07 -5.40 -10.27
N THR A 46 -4.74 -4.86 -9.26
CA THR A 46 -6.18 -5.05 -9.11
C THR A 46 -6.92 -4.63 -10.37
N ALA A 47 -6.65 -3.42 -10.83
CA ALA A 47 -7.28 -2.91 -12.05
C ALA A 47 -6.76 -3.66 -13.26
N LYS A 48 -5.54 -4.18 -13.15
CA LYS A 48 -4.91 -4.93 -14.23
C LYS A 48 -5.68 -6.22 -14.51
N ALA A 49 -6.23 -6.80 -13.44
CA ALA A 49 -6.98 -8.04 -13.56
C ALA A 49 -8.22 -7.85 -14.43
N THR A 50 -8.23 -8.50 -15.59
CA THR A 50 -9.35 -8.40 -16.51
C THR A 50 -10.19 -9.68 -16.51
N ALA A 51 -9.53 -10.80 -16.26
CA ALA A 51 -10.20 -12.09 -16.22
C ALA A 51 -10.95 -12.28 -14.91
N GLY A 1 3.53 0.44 21.78
CA GLY A 1 4.56 -0.58 21.44
C GLY A 1 4.93 -0.56 19.96
N SER A 2 5.51 0.56 19.52
CA SER A 2 5.91 0.70 18.13
C SER A 2 4.70 0.58 17.20
N ARG A 3 4.94 0.74 15.90
CA ARG A 3 3.89 0.65 14.91
C ARG A 3 3.95 -0.67 14.16
N GLU A 4 2.95 -1.52 14.40
CA GLU A 4 2.90 -2.83 13.74
C GLU A 4 2.70 -2.67 12.23
N VAL A 5 1.63 -1.98 11.86
CA VAL A 5 1.32 -1.77 10.45
C VAL A 5 1.69 -0.34 10.03
N ALA A 6 2.93 -0.15 9.60
CA ALA A 6 3.38 1.16 9.18
C ALA A 6 2.92 1.46 7.76
N ALA A 7 2.69 2.74 7.48
CA ALA A 7 2.26 3.16 6.16
C ALA A 7 2.72 4.59 5.87
N MET A 8 3.87 4.73 5.21
CA MET A 8 4.40 6.06 4.89
C MET A 8 3.30 6.96 4.35
N PRO A 9 3.54 8.29 4.32
CA PRO A 9 2.54 9.26 3.85
C PRO A 9 2.24 9.13 2.36
N ALA A 10 3.29 9.07 1.56
CA ALA A 10 3.14 8.95 0.12
C ALA A 10 2.27 7.74 -0.25
N ALA A 11 2.58 6.60 0.35
CA ALA A 11 1.83 5.37 0.09
C ALA A 11 0.43 5.45 0.65
N ARG A 12 0.29 6.12 1.79
CA ARG A 12 -1.00 6.27 2.44
C ARG A 12 -1.90 7.19 1.61
N ARG A 13 -1.36 8.33 1.25
CA ARG A 13 -2.09 9.32 0.45
C ARG A 13 -2.59 8.71 -0.84
N LEU A 14 -1.66 8.15 -1.62
CA LEU A 14 -2.00 7.53 -2.89
C LEU A 14 -2.96 6.37 -2.68
N ALA A 15 -2.73 5.61 -1.60
CA ALA A 15 -3.59 4.47 -1.30
C ALA A 15 -5.05 4.89 -1.18
N LYS A 16 -5.27 6.03 -0.55
CA LYS A 16 -6.62 6.56 -0.36
C LYS A 16 -7.15 7.19 -1.65
N GLU A 17 -6.24 7.73 -2.46
CA GLU A 17 -6.62 8.37 -3.71
C GLU A 17 -6.79 7.33 -4.83
N LEU A 18 -6.22 6.15 -4.62
CA LEU A 18 -6.31 5.08 -5.62
C LEU A 18 -7.40 4.08 -5.24
N GLY A 19 -7.67 3.96 -3.95
CA GLY A 19 -8.69 3.03 -3.49
C GLY A 19 -8.14 1.64 -3.30
N ILE A 20 -6.89 1.56 -2.86
CA ILE A 20 -6.24 0.28 -2.64
C ILE A 20 -6.06 0.02 -1.14
N ASP A 21 -6.55 -1.12 -0.68
CA ASP A 21 -6.43 -1.48 0.73
C ASP A 21 -4.97 -1.55 1.15
N ALA A 22 -4.49 -0.51 1.81
CA ALA A 22 -3.10 -0.47 2.26
C ALA A 22 -2.79 -1.63 3.18
N SER A 23 -3.70 -1.88 4.14
CA SER A 23 -3.52 -2.98 5.08
C SER A 23 -3.27 -4.29 4.32
N LYS A 24 -4.11 -4.56 3.33
CA LYS A 24 -3.95 -5.76 2.52
C LYS A 24 -2.55 -5.76 1.89
N VAL A 25 -2.08 -4.56 1.58
CA VAL A 25 -0.77 -4.38 0.98
C VAL A 25 0.33 -4.46 2.05
N LYS A 26 0.72 -5.69 2.38
CA LYS A 26 1.76 -5.92 3.38
C LYS A 26 3.00 -5.10 3.09
N GLY A 27 3.06 -3.91 3.68
CA GLY A 27 4.19 -3.03 3.47
C GLY A 27 5.53 -3.66 3.81
N THR A 28 6.52 -3.39 2.99
CA THR A 28 7.86 -3.93 3.20
C THR A 28 8.87 -2.79 3.40
N GLY A 29 8.37 -1.59 3.63
CA GLY A 29 9.24 -0.45 3.83
C GLY A 29 9.86 -0.42 5.22
N PRO A 30 11.01 0.28 5.39
CA PRO A 30 11.70 0.39 6.67
C PRO A 30 10.76 0.66 7.84
N GLY A 31 10.53 -0.37 8.65
CA GLY A 31 9.65 -0.22 9.79
C GLY A 31 8.25 -0.74 9.51
N GLY A 32 8.12 -1.57 8.49
CA GLY A 32 6.83 -2.12 8.13
C GLY A 32 5.95 -1.11 7.42
N VAL A 33 6.55 -0.08 6.82
CA VAL A 33 5.79 0.93 6.13
C VAL A 33 5.48 0.52 4.70
N ILE A 34 4.20 0.53 4.33
CA ILE A 34 3.82 0.19 2.98
C ILE A 34 4.45 1.21 2.04
N THR A 35 5.41 0.77 1.25
CA THR A 35 6.12 1.67 0.36
C THR A 35 5.27 2.06 -0.84
N VAL A 36 5.59 3.21 -1.41
CA VAL A 36 4.85 3.71 -2.55
C VAL A 36 4.81 2.71 -3.68
N GLU A 37 5.92 2.02 -3.89
CA GLU A 37 5.99 1.02 -4.94
C GLU A 37 5.08 -0.15 -4.61
N ASP A 38 4.90 -0.40 -3.33
CA ASP A 38 4.05 -1.49 -2.89
C ASP A 38 2.61 -1.20 -3.26
N VAL A 39 2.11 -0.07 -2.78
CA VAL A 39 0.73 0.33 -3.06
C VAL A 39 0.49 0.42 -4.55
N LYS A 40 1.46 0.98 -5.25
CA LYS A 40 1.36 1.12 -6.69
C LYS A 40 1.23 -0.24 -7.36
N ARG A 41 1.90 -1.24 -6.79
CA ARG A 41 1.85 -2.59 -7.34
C ARG A 41 0.45 -3.20 -7.20
N TRP A 42 -0.14 -3.14 -6.01
CA TRP A 42 -1.47 -3.70 -5.85
C TRP A 42 -2.49 -2.79 -6.50
N ALA A 43 -2.42 -1.51 -6.16
CA ALA A 43 -3.33 -0.52 -6.70
C ALA A 43 -3.41 -0.62 -8.21
N GLU A 44 -2.29 -0.96 -8.85
CA GLU A 44 -2.29 -1.12 -10.28
C GLU A 44 -2.90 -2.47 -10.66
N GLU A 45 -2.64 -3.48 -9.83
CA GLU A 45 -3.18 -4.82 -10.06
C GLU A 45 -4.67 -4.87 -9.72
N THR A 46 -5.03 -4.24 -8.61
CA THR A 46 -6.42 -4.21 -8.14
C THR A 46 -7.35 -3.70 -9.24
N ALA A 47 -7.02 -2.55 -9.81
CA ALA A 47 -7.82 -1.97 -10.88
C ALA A 47 -7.62 -2.74 -12.18
N LYS A 48 -6.44 -3.32 -12.33
CA LYS A 48 -6.10 -4.11 -13.51
C LYS A 48 -7.05 -5.29 -13.65
N ALA A 49 -7.47 -5.83 -12.51
CA ALA A 49 -8.38 -6.98 -12.51
C ALA A 49 -9.78 -6.57 -12.95
N THR A 50 -10.16 -6.99 -14.15
CA THR A 50 -11.48 -6.67 -14.70
C THR A 50 -11.74 -5.17 -14.66
N ALA A 51 -11.17 -4.46 -15.62
CA ALA A 51 -11.34 -3.01 -15.70
C ALA A 51 -12.74 -2.64 -16.19
N GLY A 1 8.48 -8.26 13.09
CA GLY A 1 7.43 -8.48 12.04
C GLY A 1 6.09 -8.89 12.64
N SER A 2 5.01 -8.53 11.95
CA SER A 2 3.67 -8.86 12.41
C SER A 2 3.39 -8.24 13.78
N ARG A 3 3.99 -7.08 14.02
CA ARG A 3 3.80 -6.37 15.29
C ARG A 3 3.06 -5.06 15.07
N GLU A 4 3.64 -4.18 14.26
CA GLU A 4 3.04 -2.88 13.97
C GLU A 4 2.99 -2.63 12.47
N VAL A 5 1.83 -2.19 11.99
CA VAL A 5 1.65 -1.91 10.57
C VAL A 5 2.00 -0.46 10.25
N ALA A 6 3.09 -0.26 9.52
CA ALA A 6 3.49 1.08 9.15
C ALA A 6 3.01 1.42 7.75
N ALA A 7 2.79 2.71 7.51
CA ALA A 7 2.34 3.18 6.22
C ALA A 7 2.85 4.59 5.94
N MET A 8 3.97 4.70 5.23
CA MET A 8 4.54 6.01 4.91
C MET A 8 3.47 6.96 4.36
N PRO A 9 3.78 8.27 4.29
CA PRO A 9 2.84 9.29 3.80
C PRO A 9 2.50 9.12 2.33
N ALA A 10 3.52 8.94 1.51
CA ALA A 10 3.34 8.79 0.07
C ALA A 10 2.36 7.66 -0.24
N ALA A 11 2.60 6.50 0.35
CA ALA A 11 1.75 5.34 0.14
C ALA A 11 0.38 5.54 0.77
N ARG A 12 0.36 6.23 1.90
CA ARG A 12 -0.89 6.51 2.60
C ARG A 12 -1.76 7.46 1.79
N ARG A 13 -1.14 8.54 1.33
CA ARG A 13 -1.84 9.54 0.53
C ARG A 13 -2.45 8.93 -0.72
N LEU A 14 -1.62 8.26 -1.52
CA LEU A 14 -2.08 7.63 -2.73
C LEU A 14 -3.12 6.55 -2.42
N ALA A 15 -2.87 5.78 -1.37
CA ALA A 15 -3.78 4.72 -0.98
C ALA A 15 -5.18 5.26 -0.74
N LYS A 16 -5.25 6.46 -0.15
CA LYS A 16 -6.52 7.10 0.14
C LYS A 16 -7.12 7.72 -1.12
N GLU A 17 -6.26 8.15 -2.04
CA GLU A 17 -6.71 8.76 -3.29
C GLU A 17 -7.06 7.69 -4.32
N LEU A 18 -6.52 6.49 -4.13
CA LEU A 18 -6.76 5.38 -5.02
C LEU A 18 -7.91 4.51 -4.49
N GLY A 19 -8.07 4.50 -3.18
CA GLY A 19 -9.12 3.71 -2.56
C GLY A 19 -8.72 2.26 -2.45
N ILE A 20 -7.48 2.02 -2.04
CA ILE A 20 -6.97 0.67 -1.89
C ILE A 20 -6.60 0.38 -0.43
N ASP A 21 -7.09 -0.74 0.09
CA ASP A 21 -6.81 -1.12 1.47
C ASP A 21 -5.32 -1.22 1.71
N ALA A 22 -4.75 -0.19 2.34
CA ALA A 22 -3.31 -0.17 2.63
C ALA A 22 -2.92 -1.36 3.50
N SER A 23 -3.76 -1.64 4.51
CA SER A 23 -3.50 -2.75 5.40
C SER A 23 -3.40 -4.05 4.62
N LYS A 24 -4.38 -4.27 3.74
CA LYS A 24 -4.37 -5.46 2.90
C LYS A 24 -3.09 -5.49 2.06
N VAL A 25 -2.54 -4.29 1.82
CA VAL A 25 -1.30 -4.16 1.06
C VAL A 25 -0.09 -4.33 1.99
N LYS A 26 0.31 -5.58 2.20
CA LYS A 26 1.45 -5.88 3.07
C LYS A 26 2.67 -5.04 2.70
N GLY A 27 2.92 -3.98 3.46
CA GLY A 27 4.05 -3.13 3.19
C GLY A 27 5.37 -3.74 3.61
N THR A 28 6.41 -3.52 2.81
CA THR A 28 7.74 -4.05 3.09
C THR A 28 8.76 -2.93 3.28
N GLY A 29 8.28 -1.70 3.43
CA GLY A 29 9.17 -0.57 3.61
C GLY A 29 9.86 -0.57 4.97
N PRO A 30 11.00 0.10 5.08
CA PRO A 30 11.77 0.18 6.33
C PRO A 30 10.90 0.46 7.54
N GLY A 31 10.66 -0.58 8.34
CA GLY A 31 9.83 -0.43 9.53
C GLY A 31 8.41 -0.89 9.29
N GLY A 32 8.21 -1.74 8.29
CA GLY A 32 6.90 -2.24 7.98
C GLY A 32 6.02 -1.19 7.32
N VAL A 33 6.64 -0.19 6.71
CA VAL A 33 5.87 0.87 6.06
C VAL A 33 5.54 0.49 4.62
N ILE A 34 4.25 0.52 4.28
CA ILE A 34 3.84 0.20 2.92
C ILE A 34 4.43 1.25 1.99
N THR A 35 5.38 0.83 1.17
CA THR A 35 6.05 1.74 0.27
C THR A 35 5.17 2.12 -0.90
N VAL A 36 5.46 3.27 -1.49
CA VAL A 36 4.70 3.77 -2.62
C VAL A 36 4.61 2.73 -3.74
N GLU A 37 5.74 2.09 -4.00
CA GLU A 37 5.80 1.06 -5.03
C GLU A 37 4.93 -0.12 -4.64
N ASP A 38 4.75 -0.31 -3.33
CA ASP A 38 3.93 -1.39 -2.82
C ASP A 38 2.46 -1.17 -3.13
N VAL A 39 1.99 0.04 -2.82
CA VAL A 39 0.59 0.39 -3.07
C VAL A 39 0.33 0.53 -4.56
N LYS A 40 1.20 1.24 -5.25
CA LYS A 40 1.05 1.46 -6.68
C LYS A 40 0.97 0.15 -7.43
N ARG A 41 1.86 -0.78 -7.11
CA ARG A 41 1.90 -2.08 -7.76
C ARG A 41 0.67 -2.91 -7.40
N TRP A 42 0.28 -2.85 -6.13
CA TRP A 42 -0.87 -3.60 -5.64
C TRP A 42 -2.17 -3.09 -6.28
N ALA A 43 -2.37 -1.78 -6.24
CA ALA A 43 -3.57 -1.18 -6.80
C ALA A 43 -3.68 -1.46 -8.29
N GLU A 44 -2.60 -1.20 -9.02
CA GLU A 44 -2.58 -1.43 -10.46
C GLU A 44 -2.85 -2.89 -10.78
N GLU A 45 -2.33 -3.78 -9.94
CA GLU A 45 -2.53 -5.21 -10.13
C GLU A 45 -4.00 -5.59 -10.07
N THR A 46 -4.78 -4.79 -9.34
CA THR A 46 -6.20 -5.04 -9.19
C THR A 46 -6.93 -4.79 -10.51
N ALA A 47 -6.69 -3.63 -11.10
CA ALA A 47 -7.31 -3.27 -12.37
C ALA A 47 -6.58 -3.94 -13.53
N LYS A 48 -5.31 -4.26 -13.30
CA LYS A 48 -4.48 -4.90 -14.32
C LYS A 48 -4.92 -6.35 -14.54
N ALA A 49 -5.45 -6.97 -13.49
CA ALA A 49 -5.91 -8.35 -13.56
C ALA A 49 -6.92 -8.54 -14.69
N THR A 50 -8.09 -7.96 -14.53
CA THR A 50 -9.15 -8.08 -15.54
C THR A 50 -9.61 -6.70 -16.00
N ALA A 51 -10.38 -6.02 -15.15
CA ALA A 51 -10.88 -4.69 -15.48
C ALA A 51 -11.16 -3.90 -14.21
N GLY A 1 -2.23 -8.35 14.46
CA GLY A 1 -1.23 -9.27 15.07
C GLY A 1 -0.35 -8.59 16.09
N SER A 2 0.93 -8.92 16.09
CA SER A 2 1.89 -8.33 17.01
C SER A 2 2.70 -7.23 16.35
N ARG A 3 2.99 -7.42 15.06
CA ARG A 3 3.76 -6.43 14.31
C ARG A 3 2.87 -5.28 13.84
N GLU A 4 3.25 -4.07 14.18
CA GLU A 4 2.49 -2.88 13.80
C GLU A 4 2.52 -2.69 12.28
N VAL A 5 1.41 -2.20 11.73
CA VAL A 5 1.31 -1.97 10.30
C VAL A 5 1.65 -0.54 9.95
N ALA A 6 2.88 -0.30 9.52
CA ALA A 6 3.30 1.04 9.16
C ALA A 6 2.86 1.38 7.74
N ALA A 7 2.64 2.65 7.49
CA ALA A 7 2.22 3.11 6.17
C ALA A 7 2.67 4.55 5.94
N MET A 8 3.82 4.72 5.28
CA MET A 8 4.35 6.06 5.01
C MET A 8 3.24 6.97 4.45
N PRO A 9 3.47 8.29 4.45
CA PRO A 9 2.48 9.27 3.97
C PRO A 9 2.21 9.14 2.48
N ALA A 10 3.28 9.10 1.69
CA ALA A 10 3.15 8.98 0.24
C ALA A 10 2.29 7.78 -0.15
N ALA A 11 2.59 6.63 0.43
CA ALA A 11 1.85 5.41 0.15
C ALA A 11 0.43 5.47 0.70
N ARG A 12 0.28 6.14 1.84
CA ARG A 12 -1.02 6.28 2.48
C ARG A 12 -1.91 7.19 1.65
N ARG A 13 -1.37 8.35 1.29
CA ARG A 13 -2.10 9.33 0.50
C ARG A 13 -2.57 8.73 -0.81
N LEU A 14 -1.64 8.20 -1.57
CA LEU A 14 -1.95 7.59 -2.85
C LEU A 14 -2.91 6.43 -2.67
N ALA A 15 -2.72 5.66 -1.60
CA ALA A 15 -3.57 4.52 -1.30
C ALA A 15 -5.03 4.95 -1.19
N LYS A 16 -5.25 6.09 -0.56
CA LYS A 16 -6.59 6.63 -0.37
C LYS A 16 -7.11 7.27 -1.66
N GLU A 17 -6.21 7.79 -2.48
CA GLU A 17 -6.58 8.43 -3.74
C GLU A 17 -6.71 7.39 -4.86
N LEU A 18 -6.16 6.20 -4.64
CA LEU A 18 -6.21 5.13 -5.63
C LEU A 18 -7.30 4.13 -5.30
N GLY A 19 -7.61 4.00 -4.01
CA GLY A 19 -8.63 3.07 -3.58
C GLY A 19 -8.08 1.68 -3.39
N ILE A 20 -6.85 1.60 -2.89
CA ILE A 20 -6.20 0.32 -2.65
C ILE A 20 -6.04 0.07 -1.16
N ASP A 21 -6.51 -1.08 -0.69
CA ASP A 21 -6.41 -1.43 0.72
C ASP A 21 -4.94 -1.52 1.14
N ALA A 22 -4.44 -0.47 1.79
CA ALA A 22 -3.06 -0.44 2.24
C ALA A 22 -2.77 -1.61 3.16
N SER A 23 -3.67 -1.86 4.11
CA SER A 23 -3.51 -2.96 5.05
C SER A 23 -3.26 -4.27 4.29
N LYS A 24 -4.12 -4.54 3.31
CA LYS A 24 -3.96 -5.74 2.50
C LYS A 24 -2.55 -5.74 1.88
N VAL A 25 -2.07 -4.54 1.57
CA VAL A 25 -0.75 -4.37 0.99
C VAL A 25 0.34 -4.47 2.06
N LYS A 26 0.75 -5.70 2.37
CA LYS A 26 1.78 -5.93 3.37
C LYS A 26 3.02 -5.08 3.09
N GLY A 27 3.05 -3.89 3.68
CA GLY A 27 4.17 -3.00 3.48
C GLY A 27 5.50 -3.62 3.85
N THR A 28 6.52 -3.36 3.02
CA THR A 28 7.86 -3.90 3.26
C THR A 28 8.86 -2.76 3.44
N GLY A 29 8.35 -1.55 3.64
CA GLY A 29 9.23 -0.40 3.82
C GLY A 29 9.86 -0.36 5.20
N PRO A 30 10.98 0.37 5.36
CA PRO A 30 11.69 0.50 6.64
C PRO A 30 10.75 0.73 7.81
N GLY A 31 10.52 -0.33 8.60
CA GLY A 31 9.64 -0.23 9.74
C GLY A 31 8.24 -0.74 9.44
N GLY A 32 8.13 -1.60 8.45
CA GLY A 32 6.84 -2.16 8.08
C GLY A 32 5.95 -1.14 7.39
N VAL A 33 6.56 -0.10 6.81
CA VAL A 33 5.78 0.92 6.13
C VAL A 33 5.47 0.54 4.69
N ILE A 34 4.20 0.53 4.33
CA ILE A 34 3.82 0.20 2.97
C ILE A 34 4.46 1.23 2.03
N THR A 35 5.42 0.78 1.25
CA THR A 35 6.13 1.68 0.38
C THR A 35 5.30 2.05 -0.83
N VAL A 36 5.63 3.19 -1.42
CA VAL A 36 4.90 3.69 -2.58
C VAL A 36 4.87 2.67 -3.69
N GLU A 37 5.98 1.98 -3.91
CA GLU A 37 6.07 0.98 -4.93
C GLU A 37 5.15 -0.19 -4.61
N ASP A 38 4.92 -0.39 -3.32
CA ASP A 38 4.04 -1.47 -2.87
C ASP A 38 2.61 -1.14 -3.26
N VAL A 39 2.13 -0.01 -2.78
CA VAL A 39 0.76 0.41 -3.07
C VAL A 39 0.54 0.50 -4.57
N LYS A 40 1.53 1.03 -5.27
CA LYS A 40 1.44 1.17 -6.72
C LYS A 40 1.23 -0.19 -7.39
N ARG A 41 1.99 -1.18 -6.95
CA ARG A 41 1.88 -2.52 -7.53
C ARG A 41 0.49 -3.15 -7.31
N TRP A 42 -0.05 -3.09 -6.09
CA TRP A 42 -1.37 -3.66 -5.87
C TRP A 42 -2.43 -2.78 -6.51
N ALA A 43 -2.36 -1.49 -6.18
CA ALA A 43 -3.31 -0.52 -6.69
C ALA A 43 -3.46 -0.63 -8.19
N GLU A 44 -2.38 -0.94 -8.87
CA GLU A 44 -2.42 -1.10 -10.32
C GLU A 44 -3.02 -2.46 -10.66
N GLU A 45 -2.68 -3.47 -9.87
CA GLU A 45 -3.17 -4.82 -10.09
C GLU A 45 -4.62 -4.97 -9.60
N THR A 46 -5.00 -4.14 -8.62
CA THR A 46 -6.34 -4.18 -8.05
C THR A 46 -7.38 -3.84 -9.11
N ALA A 47 -7.18 -2.71 -9.79
CA ALA A 47 -8.09 -2.27 -10.84
C ALA A 47 -7.85 -3.06 -12.12
N LYS A 48 -6.63 -3.55 -12.28
CA LYS A 48 -6.27 -4.33 -13.45
C LYS A 48 -7.03 -5.65 -13.49
N ALA A 49 -7.26 -6.23 -12.31
CA ALA A 49 -7.98 -7.49 -12.20
C ALA A 49 -9.48 -7.27 -12.31
N THR A 50 -9.94 -6.90 -13.50
CA THR A 50 -11.36 -6.66 -13.74
C THR A 50 -12.10 -7.97 -14.02
N ALA A 51 -13.42 -7.93 -13.93
CA ALA A 51 -14.23 -9.12 -14.18
C ALA A 51 -14.43 -9.34 -15.68
N GLY A 1 -2.92 4.48 13.38
CA GLY A 1 -2.38 3.56 14.42
C GLY A 1 -0.95 3.13 14.13
N SER A 2 0.00 4.01 14.42
CA SER A 2 1.41 3.72 14.18
C SER A 2 1.97 2.83 15.29
N ARG A 3 1.71 1.54 15.19
CA ARG A 3 2.19 0.57 16.19
C ARG A 3 2.98 -0.54 15.52
N GLU A 4 2.30 -1.35 14.71
CA GLU A 4 2.92 -2.46 14.02
C GLU A 4 2.84 -2.29 12.50
N VAL A 5 1.68 -1.82 12.04
CA VAL A 5 1.46 -1.60 10.61
C VAL A 5 1.84 -0.19 10.21
N ALA A 6 3.01 -0.04 9.58
CA ALA A 6 3.46 1.27 9.15
C ALA A 6 3.00 1.56 7.73
N ALA A 7 2.78 2.84 7.44
CA ALA A 7 2.35 3.26 6.12
C ALA A 7 2.83 4.67 5.83
N MET A 8 3.99 4.79 5.16
CA MET A 8 4.54 6.10 4.83
C MET A 8 3.47 7.02 4.23
N PRO A 9 3.77 8.33 4.11
CA PRO A 9 2.82 9.32 3.58
C PRO A 9 2.48 9.09 2.11
N ALA A 10 3.51 8.86 1.31
CA ALA A 10 3.33 8.63 -0.11
C ALA A 10 2.33 7.51 -0.38
N ALA A 11 2.56 6.36 0.24
CA ALA A 11 1.68 5.21 0.07
C ALA A 11 0.33 5.46 0.74
N ARG A 12 0.36 6.21 1.83
CA ARG A 12 -0.86 6.54 2.56
C ARG A 12 -1.74 7.45 1.72
N ARG A 13 -1.12 8.48 1.15
CA ARG A 13 -1.82 9.44 0.33
C ARG A 13 -2.48 8.77 -0.87
N LEU A 14 -1.68 8.05 -1.65
CA LEU A 14 -2.17 7.37 -2.82
C LEU A 14 -3.20 6.32 -2.43
N ALA A 15 -2.93 5.58 -1.37
CA ALA A 15 -3.84 4.54 -0.90
C ALA A 15 -5.22 5.11 -0.63
N LYS A 16 -5.26 6.31 -0.05
CA LYS A 16 -6.51 6.98 0.26
C LYS A 16 -7.15 7.57 -1.00
N GLU A 17 -6.31 7.95 -1.96
CA GLU A 17 -6.79 8.53 -3.21
C GLU A 17 -7.25 7.43 -4.18
N LEU A 18 -6.69 6.24 -4.02
CA LEU A 18 -7.01 5.12 -4.87
C LEU A 18 -8.18 4.32 -4.29
N GLY A 19 -8.30 4.34 -2.97
CA GLY A 19 -9.38 3.62 -2.31
C GLY A 19 -9.01 2.20 -1.94
N ILE A 20 -7.73 1.98 -1.62
CA ILE A 20 -7.26 0.65 -1.24
C ILE A 20 -6.87 0.61 0.23
N ASP A 21 -7.10 -0.54 0.87
CA ASP A 21 -6.75 -0.71 2.28
C ASP A 21 -5.26 -0.99 2.41
N ALA A 22 -4.49 0.02 2.77
CA ALA A 22 -3.05 -0.13 2.93
C ALA A 22 -2.72 -1.34 3.79
N SER A 23 -3.60 -1.65 4.75
CA SER A 23 -3.40 -2.80 5.62
C SER A 23 -3.45 -4.08 4.80
N LYS A 24 -4.30 -4.09 3.77
CA LYS A 24 -4.42 -5.24 2.90
C LYS A 24 -3.18 -5.31 2.01
N VAL A 25 -2.47 -4.19 1.90
CA VAL A 25 -1.25 -4.11 1.12
C VAL A 25 -0.03 -4.31 2.02
N LYS A 26 0.36 -5.56 2.20
CA LYS A 26 1.51 -5.90 3.04
C LYS A 26 2.73 -5.07 2.68
N GLY A 27 2.98 -4.02 3.46
CA GLY A 27 4.11 -3.16 3.21
C GLY A 27 5.44 -3.78 3.62
N THR A 28 6.47 -3.53 2.83
CA THR A 28 7.80 -4.07 3.12
C THR A 28 8.82 -2.94 3.33
N GLY A 29 8.32 -1.72 3.50
CA GLY A 29 9.20 -0.58 3.70
C GLY A 29 9.85 -0.59 5.07
N PRO A 30 11.04 0.05 5.20
CA PRO A 30 11.78 0.11 6.47
C PRO A 30 10.88 0.46 7.65
N GLY A 31 10.64 -0.53 8.50
CA GLY A 31 9.80 -0.31 9.67
C GLY A 31 8.37 -0.76 9.44
N GLY A 32 8.17 -1.61 8.42
CA GLY A 32 6.84 -2.10 8.11
C GLY A 32 5.99 -1.07 7.40
N VAL A 33 6.63 -0.08 6.77
CA VAL A 33 5.88 0.95 6.07
C VAL A 33 5.55 0.52 4.64
N ILE A 34 4.27 0.55 4.30
CA ILE A 34 3.87 0.19 2.95
C ILE A 34 4.45 1.20 1.98
N THR A 35 5.40 0.76 1.17
CA THR A 35 6.05 1.67 0.24
C THR A 35 5.16 2.00 -0.95
N VAL A 36 5.43 3.13 -1.56
CA VAL A 36 4.65 3.59 -2.70
C VAL A 36 4.61 2.53 -3.80
N GLU A 37 5.75 1.92 -4.06
CA GLU A 37 5.86 0.89 -5.07
C GLU A 37 4.98 -0.31 -4.68
N ASP A 38 4.78 -0.47 -3.37
CA ASP A 38 3.97 -1.56 -2.87
C ASP A 38 2.50 -1.33 -3.19
N VAL A 39 2.00 -0.14 -2.84
CA VAL A 39 0.60 0.21 -3.11
C VAL A 39 0.36 0.38 -4.60
N LYS A 40 1.32 0.97 -5.30
CA LYS A 40 1.20 1.20 -6.74
C LYS A 40 1.06 -0.12 -7.49
N ARG A 41 1.95 -1.05 -7.21
CA ARG A 41 1.93 -2.34 -7.87
C ARG A 41 0.70 -3.15 -7.47
N TRP A 42 0.29 -3.01 -6.21
CA TRP A 42 -0.88 -3.72 -5.70
C TRP A 42 -2.17 -3.14 -6.27
N ALA A 43 -2.20 -1.81 -6.41
CA ALA A 43 -3.37 -1.12 -6.94
C ALA A 43 -3.51 -1.36 -8.44
N GLU A 44 -2.40 -1.23 -9.16
CA GLU A 44 -2.40 -1.43 -10.60
C GLU A 44 -2.78 -2.86 -10.95
N GLU A 45 -2.25 -3.81 -10.18
CA GLU A 45 -2.53 -5.23 -10.41
C GLU A 45 -4.04 -5.48 -10.44
N THR A 46 -4.79 -4.64 -9.74
CA THR A 46 -6.24 -4.77 -9.69
C THR A 46 -6.87 -4.36 -11.01
N ALA A 47 -6.51 -3.16 -11.48
CA ALA A 47 -7.05 -2.64 -12.73
C ALA A 47 -6.43 -3.37 -13.91
N LYS A 48 -5.18 -3.82 -13.74
CA LYS A 48 -4.47 -4.54 -14.78
C LYS A 48 -5.16 -5.87 -15.09
N ALA A 49 -5.79 -6.45 -14.07
CA ALA A 49 -6.49 -7.72 -14.22
C ALA A 49 -7.89 -7.51 -14.77
N THR A 50 -8.13 -8.02 -15.98
CA THR A 50 -9.43 -7.90 -16.62
C THR A 50 -10.19 -9.21 -16.57
N ALA A 51 -9.47 -10.32 -16.69
CA ALA A 51 -10.07 -11.64 -16.67
C ALA A 51 -9.30 -12.58 -15.74
N GLY A 1 11.04 -2.47 13.02
CA GLY A 1 9.69 -2.45 13.67
C GLY A 1 9.37 -1.12 14.33
N SER A 2 8.10 -0.88 14.58
CA SER A 2 7.66 0.36 15.20
C SER A 2 6.53 0.10 16.19
N ARG A 3 5.47 -0.54 15.73
CA ARG A 3 4.32 -0.85 16.57
C ARG A 3 3.54 -2.03 16.02
N GLU A 4 2.99 -1.86 14.82
CA GLU A 4 2.22 -2.92 14.18
C GLU A 4 2.33 -2.83 12.67
N VAL A 5 1.53 -1.95 12.07
CA VAL A 5 1.54 -1.76 10.62
C VAL A 5 1.93 -0.33 10.26
N ALA A 6 3.02 -0.19 9.53
CA ALA A 6 3.47 1.13 9.12
C ALA A 6 3.00 1.47 7.71
N ALA A 7 2.80 2.75 7.45
CA ALA A 7 2.35 3.20 6.14
C ALA A 7 2.86 4.62 5.87
N MET A 8 3.99 4.72 5.17
CA MET A 8 4.57 6.02 4.86
C MET A 8 3.51 6.98 4.31
N PRO A 9 3.83 8.28 4.23
CA PRO A 9 2.89 9.30 3.75
C PRO A 9 2.54 9.14 2.27
N ALA A 10 3.56 8.96 1.44
CA ALA A 10 3.34 8.80 0.01
C ALA A 10 2.36 7.67 -0.30
N ALA A 11 2.61 6.51 0.31
CA ALA A 11 1.74 5.35 0.12
C ALA A 11 0.38 5.57 0.76
N ARG A 12 0.37 6.27 1.89
CA ARG A 12 -0.86 6.55 2.61
C ARG A 12 -1.73 7.49 1.80
N ARG A 13 -1.12 8.55 1.31
CA ARG A 13 -1.82 9.55 0.51
C ARG A 13 -2.44 8.92 -0.73
N LEU A 14 -1.63 8.26 -1.53
CA LEU A 14 -2.11 7.61 -2.74
C LEU A 14 -3.13 6.54 -2.40
N ALA A 15 -2.86 5.77 -1.35
CA ALA A 15 -3.78 4.71 -0.93
C ALA A 15 -5.17 5.26 -0.67
N LYS A 16 -5.22 6.46 -0.10
CA LYS A 16 -6.49 7.11 0.20
C LYS A 16 -7.11 7.70 -1.05
N GLU A 17 -6.26 8.14 -1.98
CA GLU A 17 -6.74 8.73 -3.24
C GLU A 17 -7.11 7.64 -4.25
N LEU A 18 -6.54 6.45 -4.05
CA LEU A 18 -6.80 5.33 -4.93
C LEU A 18 -7.94 4.47 -4.40
N GLY A 19 -8.12 4.49 -3.09
CA GLY A 19 -9.16 3.70 -2.46
C GLY A 19 -8.77 2.25 -2.32
N ILE A 20 -7.53 2.02 -1.93
CA ILE A 20 -7.02 0.67 -1.75
C ILE A 20 -6.62 0.42 -0.30
N ASP A 21 -7.14 -0.66 0.27
CA ASP A 21 -6.84 -1.01 1.66
C ASP A 21 -5.34 -1.18 1.85
N ALA A 22 -4.69 -0.16 2.41
CA ALA A 22 -3.26 -0.21 2.65
C ALA A 22 -2.89 -1.40 3.52
N SER A 23 -3.71 -1.66 4.54
CA SER A 23 -3.46 -2.78 5.44
C SER A 23 -3.36 -4.07 4.66
N LYS A 24 -4.33 -4.32 3.78
CA LYS A 24 -4.31 -5.51 2.94
C LYS A 24 -3.02 -5.54 2.14
N VAL A 25 -2.48 -4.35 1.86
CA VAL A 25 -1.23 -4.22 1.12
C VAL A 25 -0.05 -4.38 2.08
N LYS A 26 0.35 -5.63 2.31
CA LYS A 26 1.46 -5.92 3.22
C LYS A 26 2.70 -5.08 2.90
N GLY A 27 2.80 -3.92 3.53
CA GLY A 27 3.95 -3.06 3.30
C GLY A 27 5.27 -3.71 3.63
N THR A 28 6.26 -3.49 2.78
CA THR A 28 7.59 -4.08 2.98
C THR A 28 8.65 -2.99 3.15
N GLY A 29 8.20 -1.76 3.41
CA GLY A 29 9.12 -0.67 3.58
C GLY A 29 9.80 -0.67 4.94
N PRO A 30 10.98 -0.04 5.06
CA PRO A 30 11.75 0.02 6.32
C PRO A 30 10.87 0.34 7.52
N GLY A 31 10.60 -0.69 8.33
CA GLY A 31 9.78 -0.50 9.51
C GLY A 31 8.34 -0.93 9.27
N GLY A 32 8.13 -1.76 8.26
CA GLY A 32 6.80 -2.24 7.95
C GLY A 32 5.95 -1.18 7.28
N VAL A 33 6.59 -0.19 6.66
CA VAL A 33 5.86 0.88 6.00
C VAL A 33 5.52 0.51 4.57
N ILE A 34 4.23 0.54 4.23
CA ILE A 34 3.81 0.23 2.88
C ILE A 34 4.42 1.26 1.95
N THR A 35 5.36 0.84 1.13
CA THR A 35 6.04 1.75 0.23
C THR A 35 5.15 2.13 -0.95
N VAL A 36 5.45 3.27 -1.54
CA VAL A 36 4.67 3.78 -2.66
C VAL A 36 4.60 2.75 -3.78
N GLU A 37 5.73 2.10 -4.04
CA GLU A 37 5.79 1.08 -5.07
C GLU A 37 4.92 -0.11 -4.69
N ASP A 38 4.75 -0.30 -3.39
CA ASP A 38 3.93 -1.39 -2.87
C ASP A 38 2.46 -1.17 -3.17
N VAL A 39 1.99 0.04 -2.85
CA VAL A 39 0.59 0.39 -3.08
C VAL A 39 0.31 0.54 -4.57
N LYS A 40 1.19 1.25 -5.27
CA LYS A 40 1.02 1.49 -6.70
C LYS A 40 0.96 0.18 -7.48
N ARG A 41 1.88 -0.72 -7.18
CA ARG A 41 1.93 -2.02 -7.86
C ARG A 41 0.75 -2.89 -7.46
N TRP A 42 0.36 -2.83 -6.19
CA TRP A 42 -0.75 -3.63 -5.70
C TRP A 42 -2.08 -3.15 -6.25
N ALA A 43 -2.30 -1.84 -6.22
CA ALA A 43 -3.54 -1.25 -6.71
C ALA A 43 -3.68 -1.42 -8.22
N GLU A 44 -2.58 -1.24 -8.94
CA GLU A 44 -2.58 -1.36 -10.39
C GLU A 44 -2.81 -2.82 -10.80
N GLU A 45 -2.19 -3.73 -10.06
CA GLU A 45 -2.31 -5.16 -10.35
C GLU A 45 -3.78 -5.60 -10.28
N THR A 46 -4.57 -4.92 -9.45
CA THR A 46 -5.97 -5.24 -9.30
C THR A 46 -6.74 -4.91 -10.56
N ALA A 47 -6.58 -3.67 -11.03
CA ALA A 47 -7.24 -3.22 -12.24
C ALA A 47 -6.60 -3.84 -13.48
N LYS A 48 -5.33 -4.22 -13.35
CA LYS A 48 -4.60 -4.83 -14.45
C LYS A 48 -5.10 -6.26 -14.70
N ALA A 49 -5.54 -6.93 -13.65
CA ALA A 49 -6.04 -8.28 -13.76
C ALA A 49 -7.19 -8.38 -14.76
N THR A 50 -7.95 -7.30 -14.87
CA THR A 50 -9.07 -7.26 -15.80
C THR A 50 -8.61 -6.92 -17.22
N ALA A 51 -8.63 -7.92 -18.09
CA ALA A 51 -8.20 -7.73 -19.48
C ALA A 51 -9.11 -6.74 -20.20
N GLY A 1 -3.35 -4.30 19.35
CA GLY A 1 -2.20 -4.79 18.54
C GLY A 1 -0.87 -4.62 19.25
N SER A 2 0.22 -4.92 18.56
CA SER A 2 1.56 -4.80 19.13
C SER A 2 2.55 -4.30 18.09
N ARG A 3 2.64 -5.02 16.97
CA ARG A 3 3.55 -4.65 15.89
C ARG A 3 2.89 -3.68 14.92
N GLU A 4 1.56 -3.78 14.81
CA GLU A 4 0.79 -2.92 13.92
C GLU A 4 1.41 -2.87 12.52
N VAL A 5 0.82 -2.05 11.65
CA VAL A 5 1.31 -1.91 10.28
C VAL A 5 1.67 -0.46 9.98
N ALA A 6 2.84 -0.25 9.39
CA ALA A 6 3.28 1.09 9.04
C ALA A 6 2.84 1.45 7.62
N ALA A 7 2.68 2.74 7.38
CA ALA A 7 2.28 3.20 6.06
C ALA A 7 2.79 4.62 5.80
N MET A 8 3.94 4.73 5.14
CA MET A 8 4.52 6.04 4.83
C MET A 8 3.46 7.00 4.28
N PRO A 9 3.77 8.31 4.22
CA PRO A 9 2.83 9.34 3.74
C PRO A 9 2.49 9.17 2.26
N ALA A 10 3.52 9.00 1.43
CA ALA A 10 3.34 8.84 0.00
C ALA A 10 2.37 7.71 -0.31
N ALA A 11 2.61 6.55 0.30
CA ALA A 11 1.77 5.37 0.09
C ALA A 11 0.40 5.57 0.72
N ARG A 12 0.37 6.26 1.85
CA ARG A 12 -0.88 6.52 2.56
C ARG A 12 -1.77 7.45 1.74
N ARG A 13 -1.18 8.53 1.28
CA ARG A 13 -1.89 9.52 0.48
C ARG A 13 -2.47 8.88 -0.77
N LEU A 14 -1.62 8.24 -1.55
CA LEU A 14 -2.04 7.59 -2.77
C LEU A 14 -3.03 6.46 -2.47
N ALA A 15 -2.78 5.73 -1.40
CA ALA A 15 -3.65 4.63 -1.01
C ALA A 15 -5.08 5.12 -0.80
N LYS A 16 -5.20 6.31 -0.22
CA LYS A 16 -6.50 6.90 0.03
C LYS A 16 -7.10 7.49 -1.25
N GLU A 17 -6.24 7.97 -2.13
CA GLU A 17 -6.68 8.55 -3.39
C GLU A 17 -6.98 7.46 -4.42
N LEU A 18 -6.40 6.28 -4.22
CA LEU A 18 -6.58 5.16 -5.11
C LEU A 18 -7.73 4.27 -4.62
N GLY A 19 -7.95 4.27 -3.31
CA GLY A 19 -9.01 3.46 -2.74
C GLY A 19 -8.59 2.02 -2.56
N ILE A 20 -7.34 1.83 -2.12
CA ILE A 20 -6.80 0.50 -1.92
C ILE A 20 -6.45 0.27 -0.45
N ASP A 21 -6.96 -0.81 0.12
CA ASP A 21 -6.69 -1.13 1.52
C ASP A 21 -5.20 -1.29 1.76
N ALA A 22 -4.57 -0.25 2.31
CA ALA A 22 -3.14 -0.30 2.58
C ALA A 22 -2.79 -1.46 3.49
N SER A 23 -3.63 -1.70 4.50
CA SER A 23 -3.40 -2.80 5.43
C SER A 23 -3.26 -4.11 4.67
N LYS A 24 -4.21 -4.37 3.77
CA LYS A 24 -4.16 -5.59 2.97
C LYS A 24 -2.85 -5.63 2.19
N VAL A 25 -2.33 -4.44 1.88
CA VAL A 25 -1.06 -4.31 1.17
C VAL A 25 0.10 -4.45 2.15
N LYS A 26 0.50 -5.68 2.44
CA LYS A 26 1.60 -5.95 3.37
C LYS A 26 2.84 -5.14 3.00
N GLY A 27 2.95 -3.95 3.58
CA GLY A 27 4.09 -3.09 3.30
C GLY A 27 5.41 -3.72 3.69
N THR A 28 6.43 -3.48 2.87
CA THR A 28 7.76 -4.03 3.14
C THR A 28 8.78 -2.90 3.33
N GLY A 29 8.29 -1.68 3.52
CA GLY A 29 9.17 -0.55 3.71
C GLY A 29 9.81 -0.52 5.09
N PRO A 30 10.97 0.15 5.23
CA PRO A 30 11.67 0.24 6.51
C PRO A 30 10.74 0.53 7.69
N GLY A 31 10.47 -0.50 8.47
CA GLY A 31 9.59 -0.35 9.62
C GLY A 31 8.19 -0.82 9.33
N GLY A 32 8.05 -1.69 8.34
CA GLY A 32 6.74 -2.21 7.98
C GLY A 32 5.88 -1.17 7.29
N VAL A 33 6.52 -0.15 6.70
CA VAL A 33 5.77 0.90 6.02
C VAL A 33 5.46 0.50 4.59
N ILE A 34 4.18 0.54 4.21
CA ILE A 34 3.80 0.22 2.85
C ILE A 34 4.42 1.25 1.93
N THR A 35 5.37 0.80 1.12
CA THR A 35 6.07 1.71 0.23
C THR A 35 5.20 2.09 -0.95
N VAL A 36 5.52 3.23 -1.55
CA VAL A 36 4.76 3.73 -2.69
C VAL A 36 4.69 2.69 -3.79
N GLU A 37 5.80 2.03 -4.04
CA GLU A 37 5.86 1.00 -5.06
C GLU A 37 4.98 -0.19 -4.67
N ASP A 38 4.81 -0.37 -3.37
CA ASP A 38 3.98 -1.44 -2.86
C ASP A 38 2.51 -1.20 -3.19
N VAL A 39 2.06 0.03 -2.93
CA VAL A 39 0.68 0.40 -3.20
C VAL A 39 0.42 0.57 -4.70
N LYS A 40 1.37 1.20 -5.38
CA LYS A 40 1.22 1.46 -6.81
C LYS A 40 1.10 0.17 -7.60
N ARG A 41 1.97 -0.78 -7.32
CA ARG A 41 1.96 -2.07 -8.01
C ARG A 41 0.79 -2.94 -7.55
N TRP A 42 0.55 -2.95 -6.25
CA TRP A 42 -0.54 -3.76 -5.70
C TRP A 42 -1.90 -3.23 -6.14
N ALA A 43 -2.08 -1.92 -6.07
CA ALA A 43 -3.33 -1.28 -6.45
C ALA A 43 -3.58 -1.41 -7.95
N GLU A 44 -2.56 -1.10 -8.75
CA GLU A 44 -2.68 -1.19 -10.20
C GLU A 44 -3.00 -2.62 -10.64
N GLU A 45 -2.40 -3.59 -9.95
CA GLU A 45 -2.62 -4.99 -10.26
C GLU A 45 -4.10 -5.35 -10.13
N THR A 46 -4.80 -4.67 -9.24
CA THR A 46 -6.22 -4.91 -9.02
C THR A 46 -7.03 -4.47 -10.23
N ALA A 47 -6.82 -3.23 -10.66
CA ALA A 47 -7.53 -2.70 -11.82
C ALA A 47 -7.06 -3.38 -13.09
N LYS A 48 -5.81 -3.85 -13.08
CA LYS A 48 -5.23 -4.52 -14.23
C LYS A 48 -5.95 -5.84 -14.48
N ALA A 49 -6.43 -6.46 -13.42
CA ALA A 49 -7.14 -7.74 -13.53
C ALA A 49 -8.60 -7.52 -13.91
N THR A 50 -8.97 -8.00 -15.09
CA THR A 50 -10.34 -7.86 -15.58
C THR A 50 -10.74 -9.06 -16.43
N ALA A 51 -11.82 -9.75 -16.02
CA ALA A 51 -12.30 -10.91 -16.75
C ALA A 51 -13.60 -10.59 -17.49
N GLY A 1 11.33 5.33 18.02
CA GLY A 1 10.26 4.48 18.60
C GLY A 1 10.07 3.19 17.82
N SER A 2 8.83 2.70 17.82
CA SER A 2 8.50 1.47 17.11
C SER A 2 7.01 1.39 16.80
N ARG A 3 6.67 0.79 15.66
CA ARG A 3 5.28 0.66 15.25
C ARG A 3 5.04 -0.66 14.53
N GLU A 4 3.84 -1.20 14.66
CA GLU A 4 3.49 -2.47 14.03
C GLU A 4 3.21 -2.26 12.53
N VAL A 5 2.02 -1.80 12.22
CA VAL A 5 1.62 -1.55 10.84
C VAL A 5 2.00 -0.15 10.41
N ALA A 6 3.10 -0.03 9.67
CA ALA A 6 3.55 1.27 9.19
C ALA A 6 3.06 1.53 7.78
N ALA A 7 2.82 2.81 7.49
CA ALA A 7 2.36 3.23 6.18
C ALA A 7 2.83 4.64 5.86
N MET A 8 3.97 4.75 5.17
CA MET A 8 4.52 6.05 4.83
C MET A 8 3.45 6.98 4.26
N PRO A 9 3.73 8.29 4.15
CA PRO A 9 2.77 9.29 3.65
C PRO A 9 2.44 9.09 2.17
N ALA A 10 3.46 8.93 1.35
CA ALA A 10 3.28 8.74 -0.09
C ALA A 10 2.32 7.59 -0.38
N ALA A 11 2.56 6.45 0.26
CA ALA A 11 1.73 5.27 0.08
C ALA A 11 0.35 5.47 0.70
N ARG A 12 0.32 6.17 1.81
CA ARG A 12 -0.93 6.45 2.51
C ARG A 12 -1.80 7.38 1.68
N ARG A 13 -1.18 8.44 1.19
CA ARG A 13 -1.86 9.42 0.37
C ARG A 13 -2.48 8.78 -0.87
N LEU A 14 -1.65 8.11 -1.65
CA LEU A 14 -2.11 7.45 -2.86
C LEU A 14 -3.12 6.37 -2.52
N ALA A 15 -2.87 5.64 -1.44
CA ALA A 15 -3.77 4.57 -1.02
C ALA A 15 -5.19 5.11 -0.82
N LYS A 16 -5.28 6.31 -0.25
CA LYS A 16 -6.57 6.94 0.00
C LYS A 16 -7.15 7.52 -1.28
N GLU A 17 -6.27 7.96 -2.18
CA GLU A 17 -6.71 8.54 -3.45
C GLU A 17 -7.05 7.45 -4.46
N LEU A 18 -6.51 6.25 -4.23
CA LEU A 18 -6.75 5.12 -5.11
C LEU A 18 -7.90 4.25 -4.59
N GLY A 19 -8.07 4.26 -3.26
CA GLY A 19 -9.12 3.47 -2.65
C GLY A 19 -8.71 2.03 -2.47
N ILE A 20 -7.46 1.82 -2.06
CA ILE A 20 -6.94 0.48 -1.84
C ILE A 20 -6.56 0.27 -0.38
N ASP A 21 -7.08 -0.79 0.22
CA ASP A 21 -6.79 -1.10 1.61
C ASP A 21 -5.29 -1.27 1.82
N ALA A 22 -4.65 -0.23 2.36
CA ALA A 22 -3.22 -0.27 2.61
C ALA A 22 -2.85 -1.44 3.52
N SER A 23 -3.69 -1.67 4.53
CA SER A 23 -3.47 -2.77 5.47
C SER A 23 -3.34 -4.08 4.72
N LYS A 24 -4.29 -4.35 3.83
CA LYS A 24 -4.25 -5.56 3.03
C LYS A 24 -2.95 -5.61 2.24
N VAL A 25 -2.41 -4.43 1.93
CA VAL A 25 -1.15 -4.32 1.20
C VAL A 25 0.02 -4.43 2.17
N LYS A 26 0.42 -5.67 2.48
CA LYS A 26 1.52 -5.91 3.40
C LYS A 26 2.76 -5.10 3.01
N GLY A 27 2.92 -3.95 3.66
CA GLY A 27 4.06 -3.10 3.37
C GLY A 27 5.38 -3.73 3.74
N THR A 28 6.40 -3.49 2.91
CA THR A 28 7.73 -4.05 3.16
C THR A 28 8.76 -2.93 3.34
N GLY A 29 8.29 -1.70 3.50
CA GLY A 29 9.19 -0.58 3.68
C GLY A 29 9.87 -0.58 5.05
N PRO A 30 11.04 0.07 5.17
CA PRO A 30 11.79 0.15 6.42
C PRO A 30 10.91 0.48 7.62
N GLY A 31 10.66 -0.52 8.46
CA GLY A 31 9.82 -0.31 9.62
C GLY A 31 8.39 -0.76 9.39
N GLY A 32 8.20 -1.61 8.38
CA GLY A 32 6.87 -2.10 8.07
C GLY A 32 6.01 -1.07 7.37
N VAL A 33 6.65 -0.08 6.75
CA VAL A 33 5.90 0.96 6.06
C VAL A 33 5.56 0.54 4.63
N ILE A 34 4.28 0.56 4.31
CA ILE A 34 3.86 0.21 2.96
C ILE A 34 4.44 1.23 2.00
N THR A 35 5.39 0.79 1.19
CA THR A 35 6.04 1.70 0.26
C THR A 35 5.16 2.04 -0.92
N VAL A 36 5.46 3.18 -1.52
CA VAL A 36 4.69 3.66 -2.67
C VAL A 36 4.61 2.61 -3.76
N GLU A 37 5.74 1.96 -4.02
CA GLU A 37 5.81 0.93 -5.04
C GLU A 37 4.94 -0.26 -4.64
N ASP A 38 4.77 -0.43 -3.32
CA ASP A 38 3.97 -1.52 -2.80
C ASP A 38 2.49 -1.30 -3.10
N VAL A 39 2.01 -0.10 -2.80
CA VAL A 39 0.61 0.25 -3.05
C VAL A 39 0.35 0.38 -4.53
N LYS A 40 1.23 1.09 -5.22
CA LYS A 40 1.07 1.31 -6.66
C LYS A 40 0.98 0.00 -7.42
N ARG A 41 1.86 -0.94 -7.09
CA ARG A 41 1.88 -2.24 -7.76
C ARG A 41 0.65 -3.07 -7.38
N TRP A 42 0.31 -3.07 -6.10
CA TRP A 42 -0.83 -3.83 -5.61
C TRP A 42 -2.16 -3.29 -6.18
N ALA A 43 -2.34 -1.97 -6.08
CA ALA A 43 -3.56 -1.34 -6.56
C ALA A 43 -3.65 -1.41 -8.09
N GLU A 44 -2.56 -1.10 -8.77
CA GLU A 44 -2.54 -1.13 -10.22
C GLU A 44 -2.87 -2.53 -10.74
N GLU A 45 -2.35 -3.54 -10.06
CA GLU A 45 -2.58 -4.92 -10.44
C GLU A 45 -4.07 -5.25 -10.43
N THR A 46 -4.83 -4.54 -9.59
CA THR A 46 -6.26 -4.74 -9.48
C THR A 46 -6.97 -4.27 -10.75
N ALA A 47 -6.70 -3.03 -11.14
CA ALA A 47 -7.30 -2.45 -12.33
C ALA A 47 -6.76 -3.12 -13.59
N LYS A 48 -5.52 -3.61 -13.49
CA LYS A 48 -4.87 -4.28 -14.61
C LYS A 48 -5.59 -5.58 -14.95
N ALA A 49 -6.16 -6.21 -13.93
CA ALA A 49 -6.89 -7.46 -14.11
C ALA A 49 -8.33 -7.21 -14.53
N THR A 50 -9.12 -6.66 -13.62
CA THR A 50 -10.52 -6.37 -13.90
C THR A 50 -10.66 -5.34 -15.02
N ALA A 51 -11.49 -5.64 -16.00
CA ALA A 51 -11.70 -4.74 -17.12
C ALA A 51 -12.85 -3.78 -16.85
N GLY A 1 4.85 -9.38 17.42
CA GLY A 1 5.65 -8.65 16.40
C GLY A 1 6.27 -7.39 16.95
N SER A 2 5.46 -6.58 17.63
CA SER A 2 5.94 -5.33 18.20
C SER A 2 6.48 -4.40 17.11
N ARG A 3 5.97 -4.55 15.91
CA ARG A 3 6.40 -3.73 14.78
C ARG A 3 5.28 -2.81 14.30
N GLU A 4 4.04 -3.26 14.48
CA GLU A 4 2.88 -2.48 14.06
C GLU A 4 2.88 -2.28 12.54
N VAL A 5 1.71 -2.02 11.98
CA VAL A 5 1.57 -1.81 10.55
C VAL A 5 1.90 -0.37 10.18
N ALA A 6 3.06 -0.16 9.56
CA ALA A 6 3.46 1.18 9.16
C ALA A 6 2.99 1.48 7.74
N ALA A 7 2.75 2.75 7.47
CA ALA A 7 2.30 3.18 6.15
C ALA A 7 2.79 4.59 5.85
N MET A 8 3.94 4.69 5.16
CA MET A 8 4.50 5.99 4.81
C MET A 8 3.43 6.93 4.24
N PRO A 9 3.73 8.24 4.13
CA PRO A 9 2.79 9.24 3.63
C PRO A 9 2.45 9.03 2.14
N ALA A 10 3.47 8.83 1.34
CA ALA A 10 3.29 8.63 -0.10
C ALA A 10 2.31 7.50 -0.38
N ALA A 11 2.56 6.35 0.24
CA ALA A 11 1.70 5.18 0.06
C ALA A 11 0.34 5.39 0.71
N ARG A 12 0.34 6.13 1.81
CA ARG A 12 -0.89 6.42 2.54
C ARG A 12 -1.77 7.35 1.72
N ARG A 13 -1.16 8.41 1.21
CA ARG A 13 -1.88 9.38 0.40
C ARG A 13 -2.51 8.73 -0.82
N LEU A 14 -1.68 8.07 -1.62
CA LEU A 14 -2.15 7.41 -2.82
C LEU A 14 -3.17 6.33 -2.47
N ALA A 15 -2.91 5.60 -1.39
CA ALA A 15 -3.81 4.53 -0.96
C ALA A 15 -5.22 5.07 -0.73
N LYS A 16 -5.31 6.25 -0.13
CA LYS A 16 -6.60 6.88 0.14
C LYS A 16 -7.18 7.48 -1.13
N GLU A 17 -6.32 7.91 -2.04
CA GLU A 17 -6.76 8.51 -3.29
C GLU A 17 -7.18 7.43 -4.29
N LEU A 18 -6.60 6.24 -4.16
CA LEU A 18 -6.90 5.13 -5.05
C LEU A 18 -8.07 4.31 -4.52
N GLY A 19 -8.24 4.31 -3.20
CA GLY A 19 -9.33 3.57 -2.60
C GLY A 19 -8.96 2.16 -2.21
N ILE A 20 -7.70 1.95 -1.79
CA ILE A 20 -7.25 0.63 -1.38
C ILE A 20 -6.87 0.60 0.10
N ASP A 21 -7.11 -0.53 0.74
CA ASP A 21 -6.78 -0.69 2.15
C ASP A 21 -5.30 -0.97 2.31
N ALA A 22 -4.53 0.06 2.69
CA ALA A 22 -3.10 -0.10 2.88
C ALA A 22 -2.79 -1.30 3.75
N SER A 23 -3.69 -1.58 4.70
CA SER A 23 -3.50 -2.72 5.59
C SER A 23 -3.52 -4.01 4.79
N LYS A 24 -4.34 -4.04 3.73
CA LYS A 24 -4.42 -5.20 2.87
C LYS A 24 -3.16 -5.29 2.02
N VAL A 25 -2.47 -4.17 1.90
CA VAL A 25 -1.23 -4.08 1.15
C VAL A 25 -0.03 -4.23 2.07
N LYS A 26 0.37 -5.48 2.32
CA LYS A 26 1.50 -5.75 3.21
C LYS A 26 2.72 -4.93 2.84
N GLY A 27 3.02 -3.94 3.67
CA GLY A 27 4.15 -3.08 3.41
C GLY A 27 5.48 -3.72 3.74
N THR A 28 6.48 -3.46 2.89
CA THR A 28 7.82 -4.01 3.10
C THR A 28 8.84 -2.90 3.28
N GLY A 29 8.36 -1.68 3.51
CA GLY A 29 9.26 -0.55 3.70
C GLY A 29 9.91 -0.54 5.06
N PRO A 30 11.08 0.12 5.20
CA PRO A 30 11.81 0.21 6.46
C PRO A 30 10.91 0.52 7.65
N GLY A 31 10.67 -0.48 8.48
CA GLY A 31 9.83 -0.30 9.64
C GLY A 31 8.41 -0.78 9.40
N GLY A 32 8.24 -1.63 8.39
CA GLY A 32 6.92 -2.15 8.07
C GLY A 32 6.04 -1.13 7.38
N VAL A 33 6.66 -0.12 6.76
CA VAL A 33 5.89 0.91 6.08
C VAL A 33 5.55 0.49 4.66
N ILE A 34 4.27 0.51 4.31
CA ILE A 34 3.87 0.16 2.97
C ILE A 34 4.44 1.18 2.01
N THR A 35 5.37 0.75 1.19
CA THR A 35 6.04 1.66 0.27
C THR A 35 5.15 2.01 -0.91
N VAL A 36 5.44 3.14 -1.52
CA VAL A 36 4.67 3.62 -2.65
C VAL A 36 4.62 2.57 -3.76
N GLU A 37 5.76 1.95 -4.01
CA GLU A 37 5.85 0.91 -5.02
C GLU A 37 4.98 -0.27 -4.64
N ASP A 38 4.77 -0.45 -3.33
CA ASP A 38 3.95 -1.53 -2.83
C ASP A 38 2.49 -1.30 -3.16
N VAL A 39 2.01 -0.10 -2.87
CA VAL A 39 0.61 0.24 -3.14
C VAL A 39 0.38 0.41 -4.64
N LYS A 40 1.34 1.05 -5.32
CA LYS A 40 1.23 1.29 -6.76
C LYS A 40 1.09 -0.03 -7.51
N ARG A 41 1.98 -0.97 -7.23
CA ARG A 41 1.95 -2.26 -7.90
C ARG A 41 0.71 -3.06 -7.49
N TRP A 42 0.36 -2.99 -6.21
CA TRP A 42 -0.81 -3.69 -5.70
C TRP A 42 -2.10 -3.13 -6.30
N ALA A 43 -2.15 -1.82 -6.47
CA ALA A 43 -3.31 -1.14 -7.02
C ALA A 43 -3.43 -1.38 -8.52
N GLU A 44 -2.32 -1.17 -9.24
CA GLU A 44 -2.31 -1.36 -10.69
C GLU A 44 -2.70 -2.80 -11.06
N GLU A 45 -2.25 -3.75 -10.24
CA GLU A 45 -2.58 -5.15 -10.49
C GLU A 45 -4.08 -5.37 -10.51
N THR A 46 -4.76 -4.76 -9.55
CA THR A 46 -6.21 -4.87 -9.44
C THR A 46 -6.88 -4.35 -10.70
N ALA A 47 -6.53 -3.14 -11.10
CA ALA A 47 -7.09 -2.53 -12.31
C ALA A 47 -6.59 -3.26 -13.55
N LYS A 48 -5.39 -3.82 -13.44
CA LYS A 48 -4.78 -4.56 -14.54
C LYS A 48 -5.61 -5.78 -14.89
N ALA A 49 -6.28 -6.34 -13.89
CA ALA A 49 -7.11 -7.52 -14.08
C ALA A 49 -8.50 -7.13 -14.60
N THR A 50 -8.69 -7.22 -15.91
CA THR A 50 -9.97 -6.88 -16.53
C THR A 50 -10.89 -8.09 -16.58
N ALA A 51 -10.31 -9.27 -16.74
CA ALA A 51 -11.08 -10.50 -16.80
C ALA A 51 -10.25 -11.69 -16.37
N GLY A 1 8.95 -2.78 21.24
CA GLY A 1 8.28 -1.45 21.07
C GLY A 1 7.00 -1.54 20.27
N SER A 2 6.87 -0.70 19.24
CA SER A 2 5.68 -0.69 18.40
C SER A 2 5.91 -1.52 17.14
N ARG A 3 5.22 -2.66 17.07
CA ARG A 3 5.33 -3.54 15.91
C ARG A 3 4.07 -3.51 15.06
N GLU A 4 3.41 -2.35 15.06
CA GLU A 4 2.17 -2.20 14.29
C GLU A 4 2.49 -2.04 12.80
N VAL A 5 1.44 -1.89 11.99
CA VAL A 5 1.60 -1.74 10.56
C VAL A 5 1.93 -0.30 10.20
N ALA A 6 3.06 -0.11 9.53
CA ALA A 6 3.48 1.22 9.13
C ALA A 6 3.01 1.55 7.71
N ALA A 7 2.82 2.83 7.44
CA ALA A 7 2.39 3.27 6.12
C ALA A 7 2.89 4.68 5.82
N MET A 8 4.02 4.77 5.12
CA MET A 8 4.59 6.07 4.79
C MET A 8 3.53 7.02 4.23
N PRO A 9 3.84 8.32 4.12
CA PRO A 9 2.90 9.33 3.62
C PRO A 9 2.54 9.13 2.15
N ALA A 10 3.55 8.93 1.33
CA ALA A 10 3.34 8.73 -0.11
C ALA A 10 2.34 7.60 -0.38
N ALA A 11 2.59 6.46 0.25
CA ALA A 11 1.73 5.29 0.09
C ALA A 11 0.37 5.51 0.74
N ARG A 12 0.36 6.24 1.85
CA ARG A 12 -0.86 6.54 2.56
C ARG A 12 -1.74 7.47 1.74
N ARG A 13 -1.12 8.53 1.23
CA ARG A 13 -1.82 9.51 0.42
C ARG A 13 -2.46 8.86 -0.79
N LEU A 14 -1.65 8.16 -1.58
CA LEU A 14 -2.14 7.50 -2.76
C LEU A 14 -3.16 6.43 -2.40
N ALA A 15 -2.90 5.69 -1.33
CA ALA A 15 -3.81 4.64 -0.89
C ALA A 15 -5.22 5.19 -0.66
N LYS A 16 -5.28 6.39 -0.09
CA LYS A 16 -6.57 7.03 0.18
C LYS A 16 -7.16 7.63 -1.10
N GLU A 17 -6.29 8.06 -2.00
CA GLU A 17 -6.73 8.65 -3.27
C GLU A 17 -7.12 7.56 -4.27
N LEU A 18 -6.59 6.36 -4.06
CA LEU A 18 -6.87 5.23 -4.93
C LEU A 18 -8.00 4.38 -4.37
N GLY A 19 -8.14 4.39 -3.05
CA GLY A 19 -9.17 3.61 -2.40
C GLY A 19 -8.78 2.15 -2.27
N ILE A 20 -7.53 1.93 -1.88
CA ILE A 20 -7.02 0.57 -1.73
C ILE A 20 -6.62 0.31 -0.28
N ASP A 21 -7.09 -0.80 0.27
CA ASP A 21 -6.78 -1.16 1.66
C ASP A 21 -5.27 -1.26 1.86
N ALA A 22 -4.68 -0.22 2.44
CA ALA A 22 -3.24 -0.21 2.70
C ALA A 22 -2.85 -1.38 3.60
N SER A 23 -3.64 -1.63 4.63
CA SER A 23 -3.37 -2.73 5.55
C SER A 23 -3.30 -4.03 4.80
N LYS A 24 -4.29 -4.28 3.93
CA LYS A 24 -4.31 -5.48 3.13
C LYS A 24 -3.04 -5.53 2.27
N VAL A 25 -2.50 -4.35 1.98
CA VAL A 25 -1.28 -4.23 1.20
C VAL A 25 -0.06 -4.39 2.11
N LYS A 26 0.35 -5.63 2.34
CA LYS A 26 1.49 -5.93 3.20
C LYS A 26 2.72 -5.10 2.82
N GLY A 27 2.91 -3.98 3.51
CA GLY A 27 4.04 -3.12 3.24
C GLY A 27 5.36 -3.74 3.68
N THR A 28 6.39 -3.55 2.88
CA THR A 28 7.72 -4.08 3.19
C THR A 28 8.75 -2.96 3.35
N GLY A 29 8.27 -1.72 3.47
CA GLY A 29 9.17 -0.60 3.62
C GLY A 29 9.86 -0.58 4.98
N PRO A 30 11.02 0.09 5.07
CA PRO A 30 11.79 0.19 6.32
C PRO A 30 10.92 0.51 7.53
N GLY A 31 10.68 -0.49 8.35
CA GLY A 31 9.86 -0.31 9.54
C GLY A 31 8.43 -0.75 9.32
N GLY A 32 8.23 -1.62 8.34
CA GLY A 32 6.90 -2.12 8.04
C GLY A 32 6.03 -1.08 7.36
N VAL A 33 6.65 -0.09 6.72
CA VAL A 33 5.90 0.94 6.05
C VAL A 33 5.54 0.53 4.62
N ILE A 34 4.27 0.57 4.29
CA ILE A 34 3.85 0.23 2.94
C ILE A 34 4.43 1.24 1.98
N THR A 35 5.37 0.80 1.16
CA THR A 35 6.04 1.69 0.23
C THR A 35 5.14 2.04 -0.95
N VAL A 36 5.43 3.17 -1.57
CA VAL A 36 4.65 3.64 -2.70
C VAL A 36 4.57 2.57 -3.79
N GLU A 37 5.70 1.93 -4.04
CA GLU A 37 5.77 0.87 -5.04
C GLU A 37 4.88 -0.30 -4.63
N ASP A 38 4.71 -0.45 -3.32
CA ASP A 38 3.88 -1.53 -2.78
C ASP A 38 2.41 -1.29 -3.07
N VAL A 39 1.94 -0.08 -2.76
CA VAL A 39 0.55 0.27 -2.98
C VAL A 39 0.24 0.40 -4.47
N LYS A 40 1.14 1.04 -5.21
CA LYS A 40 0.96 1.24 -6.64
C LYS A 40 0.86 -0.11 -7.35
N ARG A 41 1.82 -0.99 -7.07
CA ARG A 41 1.84 -2.31 -7.68
C ARG A 41 0.61 -3.12 -7.30
N TRP A 42 0.22 -3.03 -6.04
CA TRP A 42 -0.94 -3.76 -5.55
C TRP A 42 -2.24 -3.22 -6.16
N ALA A 43 -2.41 -1.91 -6.15
CA ALA A 43 -3.61 -1.29 -6.69
C ALA A 43 -3.67 -1.41 -8.21
N GLU A 44 -2.54 -1.16 -8.86
CA GLU A 44 -2.47 -1.25 -10.32
C GLU A 44 -2.79 -2.67 -10.79
N GLU A 45 -2.26 -3.64 -10.06
CA GLU A 45 -2.49 -5.05 -10.40
C GLU A 45 -3.98 -5.37 -10.45
N THR A 46 -4.76 -4.65 -9.65
CA THR A 46 -6.20 -4.86 -9.59
C THR A 46 -6.85 -4.46 -10.91
N ALA A 47 -6.56 -3.25 -11.37
CA ALA A 47 -7.11 -2.76 -12.63
C ALA A 47 -6.42 -3.42 -13.81
N LYS A 48 -5.17 -3.84 -13.62
CA LYS A 48 -4.40 -4.49 -14.67
C LYS A 48 -5.00 -5.84 -15.02
N ALA A 49 -5.55 -6.53 -14.02
CA ALA A 49 -6.16 -7.83 -14.23
C ALA A 49 -7.58 -7.70 -14.76
N THR A 50 -7.72 -7.72 -16.07
CA THR A 50 -9.03 -7.59 -16.70
C THR A 50 -9.66 -8.97 -16.92
N ALA A 51 -10.94 -8.98 -17.27
CA ALA A 51 -11.65 -10.22 -17.53
C ALA A 51 -11.38 -10.74 -18.94
N GLY A 1 -3.75 -6.52 11.83
CA GLY A 1 -4.02 -5.52 10.77
C GLY A 1 -4.48 -4.19 11.32
N SER A 2 -4.07 -3.89 12.55
CA SER A 2 -4.44 -2.64 13.20
C SER A 2 -3.48 -2.30 14.32
N ARG A 3 -2.22 -2.70 14.17
CA ARG A 3 -1.20 -2.45 15.18
C ARG A 3 0.17 -2.86 14.68
N GLU A 4 1.14 -1.93 14.74
CA GLU A 4 2.51 -2.18 14.30
C GLU A 4 2.66 -1.97 12.79
N VAL A 5 1.54 -1.94 12.07
CA VAL A 5 1.56 -1.75 10.63
C VAL A 5 1.88 -0.31 10.28
N ALA A 6 2.95 -0.11 9.51
CA ALA A 6 3.36 1.23 9.11
C ALA A 6 2.90 1.53 7.68
N ALA A 7 2.67 2.80 7.40
CA ALA A 7 2.25 3.23 6.08
C ALA A 7 2.73 4.64 5.78
N MET A 8 3.89 4.75 5.11
CA MET A 8 4.45 6.06 4.78
C MET A 8 3.38 6.99 4.20
N PRO A 9 3.69 8.30 4.10
CA PRO A 9 2.75 9.30 3.59
C PRO A 9 2.41 9.10 2.12
N ALA A 10 3.44 8.92 1.30
CA ALA A 10 3.26 8.73 -0.14
C ALA A 10 2.30 7.57 -0.43
N ALA A 11 2.53 6.44 0.23
CA ALA A 11 1.69 5.27 0.05
C ALA A 11 0.31 5.47 0.67
N ARG A 12 0.30 6.19 1.79
CA ARG A 12 -0.93 6.47 2.49
C ARG A 12 -1.81 7.41 1.67
N ARG A 13 -1.18 8.45 1.14
CA ARG A 13 -1.88 9.44 0.33
C ARG A 13 -2.49 8.80 -0.90
N LEU A 14 -1.65 8.12 -1.69
CA LEU A 14 -2.12 7.46 -2.89
C LEU A 14 -3.14 6.39 -2.55
N ALA A 15 -2.90 5.65 -1.47
CA ALA A 15 -3.81 4.59 -1.05
C ALA A 15 -5.21 5.16 -0.82
N LYS A 16 -5.27 6.37 -0.26
CA LYS A 16 -6.54 7.03 0.01
C LYS A 16 -7.15 7.60 -1.26
N GLU A 17 -6.30 8.00 -2.19
CA GLU A 17 -6.75 8.57 -3.46
C GLU A 17 -7.13 7.47 -4.45
N LEU A 18 -6.54 6.29 -4.26
CA LEU A 18 -6.81 5.15 -5.12
C LEU A 18 -7.94 4.30 -4.56
N GLY A 19 -8.09 4.33 -3.24
CA GLY A 19 -9.12 3.56 -2.59
C GLY A 19 -8.73 2.11 -2.42
N ILE A 20 -7.49 1.88 -2.02
CA ILE A 20 -6.98 0.53 -1.82
C ILE A 20 -6.58 0.30 -0.37
N ASP A 21 -7.06 -0.79 0.20
CA ASP A 21 -6.76 -1.12 1.59
C ASP A 21 -5.25 -1.28 1.78
N ALA A 22 -4.62 -0.26 2.34
CA ALA A 22 -3.18 -0.29 2.58
C ALA A 22 -2.81 -1.47 3.46
N SER A 23 -3.63 -1.73 4.48
CA SER A 23 -3.38 -2.84 5.40
C SER A 23 -3.26 -4.15 4.62
N LYS A 24 -4.23 -4.40 3.74
CA LYS A 24 -4.21 -5.60 2.92
C LYS A 24 -2.93 -5.62 2.10
N VAL A 25 -2.38 -4.43 1.83
CA VAL A 25 -1.13 -4.30 1.09
C VAL A 25 0.05 -4.45 2.03
N LYS A 26 0.47 -5.69 2.27
CA LYS A 26 1.58 -5.97 3.17
C LYS A 26 2.80 -5.14 2.82
N GLY A 27 2.94 -4.00 3.50
CA GLY A 27 4.07 -3.12 3.26
C GLY A 27 5.40 -3.76 3.63
N THR A 28 6.44 -3.45 2.85
CA THR A 28 7.76 -3.99 3.10
C THR A 28 8.77 -2.89 3.41
N GLY A 29 8.30 -1.64 3.43
CA GLY A 29 9.18 -0.52 3.71
C GLY A 29 9.80 -0.61 5.10
N PRO A 30 11.00 -0.02 5.29
CA PRO A 30 11.69 -0.03 6.58
C PRO A 30 10.78 0.27 7.76
N GLY A 31 10.67 -0.69 8.67
CA GLY A 31 9.81 -0.52 9.84
C GLY A 31 8.40 -1.03 9.61
N GLY A 32 8.14 -1.56 8.42
CA GLY A 32 6.82 -2.06 8.12
C GLY A 32 5.95 -1.05 7.40
N VAL A 33 6.58 -0.06 6.76
CA VAL A 33 5.82 0.96 6.07
C VAL A 33 5.50 0.54 4.64
N ILE A 34 4.22 0.56 4.27
CA ILE A 34 3.84 0.21 2.93
C ILE A 34 4.43 1.24 1.98
N THR A 35 5.39 0.82 1.17
CA THR A 35 6.06 1.73 0.27
C THR A 35 5.18 2.07 -0.92
N VAL A 36 5.47 3.21 -1.53
CA VAL A 36 4.71 3.69 -2.67
C VAL A 36 4.67 2.64 -3.77
N GLU A 37 5.81 2.01 -4.01
CA GLU A 37 5.90 0.98 -5.03
C GLU A 37 5.03 -0.20 -4.65
N ASP A 38 4.82 -0.39 -3.34
CA ASP A 38 4.01 -1.48 -2.85
C ASP A 38 2.54 -1.24 -3.20
N VAL A 39 2.08 -0.02 -2.94
CA VAL A 39 0.69 0.34 -3.21
C VAL A 39 0.48 0.57 -4.71
N LYS A 40 1.49 1.10 -5.40
CA LYS A 40 1.38 1.37 -6.82
C LYS A 40 1.20 0.07 -7.61
N ARG A 41 2.05 -0.90 -7.32
CA ARG A 41 2.00 -2.19 -7.99
C ARG A 41 0.79 -3.00 -7.54
N TRP A 42 0.51 -2.97 -6.25
CA TRP A 42 -0.62 -3.71 -5.70
C TRP A 42 -1.96 -3.12 -6.16
N ALA A 43 -2.06 -1.80 -6.12
CA ALA A 43 -3.29 -1.12 -6.52
C ALA A 43 -3.51 -1.21 -8.03
N GLU A 44 -2.43 -1.11 -8.80
CA GLU A 44 -2.53 -1.18 -10.25
C GLU A 44 -2.91 -2.58 -10.71
N GLU A 45 -2.38 -3.59 -10.01
CA GLU A 45 -2.67 -4.98 -10.35
C GLU A 45 -4.16 -5.25 -10.27
N THR A 46 -4.78 -4.76 -9.22
CA THR A 46 -6.21 -4.94 -9.00
C THR A 46 -7.01 -4.43 -10.18
N ALA A 47 -6.75 -3.18 -10.58
CA ALA A 47 -7.44 -2.59 -11.71
C ALA A 47 -6.91 -3.17 -13.02
N LYS A 48 -5.67 -3.66 -12.96
CA LYS A 48 -5.03 -4.26 -14.13
C LYS A 48 -5.71 -5.58 -14.51
N ALA A 49 -6.15 -6.31 -13.49
CA ALA A 49 -6.82 -7.60 -13.71
C ALA A 49 -8.33 -7.42 -13.85
N THR A 50 -8.87 -7.93 -14.94
CA THR A 50 -10.30 -7.82 -15.20
C THR A 50 -11.08 -8.86 -14.39
N ALA A 51 -10.59 -10.09 -14.39
CA ALA A 51 -11.23 -11.17 -13.65
C ALA A 51 -10.24 -11.89 -12.75
N GLY A 1 -1.29 -8.90 15.30
CA GLY A 1 -2.32 -8.85 16.37
C GLY A 1 -1.92 -7.96 17.53
N SER A 2 -0.68 -8.11 17.98
CA SER A 2 -0.16 -7.31 19.09
C SER A 2 0.82 -6.25 18.59
N ARG A 3 0.59 -5.78 17.38
CA ARG A 3 1.45 -4.75 16.78
C ARG A 3 0.65 -3.87 15.82
N GLU A 4 1.36 -3.02 15.08
CA GLU A 4 0.71 -2.11 14.14
C GLU A 4 1.47 -2.08 12.82
N VAL A 5 0.75 -1.82 11.74
CA VAL A 5 1.36 -1.76 10.40
C VAL A 5 1.73 -0.32 10.04
N ALA A 6 2.92 -0.13 9.50
CA ALA A 6 3.37 1.19 9.10
C ALA A 6 2.89 1.53 7.70
N ALA A 7 2.77 2.81 7.42
CA ALA A 7 2.34 3.27 6.12
C ALA A 7 2.85 4.68 5.84
N MET A 8 3.98 4.78 5.13
CA MET A 8 4.56 6.07 4.80
C MET A 8 3.47 7.03 4.29
N PRO A 9 3.77 8.35 4.21
CA PRO A 9 2.78 9.34 3.77
C PRO A 9 2.50 9.25 2.27
N ALA A 10 3.51 8.86 1.51
CA ALA A 10 3.37 8.73 0.07
C ALA A 10 2.37 7.62 -0.27
N ALA A 11 2.59 6.46 0.32
CA ALA A 11 1.72 5.30 0.09
C ALA A 11 0.34 5.53 0.72
N ARG A 12 0.32 6.21 1.86
CA ARG A 12 -0.93 6.49 2.55
C ARG A 12 -1.79 7.43 1.72
N ARG A 13 -1.16 8.51 1.26
CA ARG A 13 -1.85 9.51 0.46
C ARG A 13 -2.45 8.88 -0.79
N LEU A 14 -1.61 8.21 -1.58
CA LEU A 14 -2.06 7.57 -2.79
C LEU A 14 -3.08 6.48 -2.47
N ALA A 15 -2.82 5.71 -1.41
CA ALA A 15 -3.72 4.64 -1.01
C ALA A 15 -5.14 5.17 -0.80
N LYS A 16 -5.23 6.37 -0.23
CA LYS A 16 -6.51 7.00 0.03
C LYS A 16 -7.11 7.58 -1.26
N GLU A 17 -6.25 8.05 -2.15
CA GLU A 17 -6.69 8.62 -3.41
C GLU A 17 -7.02 7.52 -4.43
N LEU A 18 -6.48 6.32 -4.19
CA LEU A 18 -6.71 5.19 -5.06
C LEU A 18 -7.83 4.31 -4.52
N GLY A 19 -8.00 4.33 -3.20
CA GLY A 19 -9.04 3.53 -2.58
C GLY A 19 -8.62 2.08 -2.44
N ILE A 20 -7.38 1.86 -2.04
CA ILE A 20 -6.85 0.52 -1.87
C ILE A 20 -6.47 0.24 -0.42
N ASP A 21 -6.95 -0.88 0.11
CA ASP A 21 -6.65 -1.25 1.49
C ASP A 21 -5.15 -1.36 1.71
N ALA A 22 -4.56 -0.33 2.31
CA ALA A 22 -3.12 -0.33 2.57
C ALA A 22 -2.74 -1.51 3.47
N SER A 23 -3.56 -1.77 4.48
CA SER A 23 -3.31 -2.87 5.40
C SER A 23 -3.21 -4.18 4.62
N LYS A 24 -4.18 -4.42 3.75
CA LYS A 24 -4.19 -5.61 2.92
C LYS A 24 -2.89 -5.64 2.10
N VAL A 25 -2.36 -4.46 1.83
CA VAL A 25 -1.12 -4.33 1.08
C VAL A 25 0.08 -4.48 2.03
N LYS A 26 0.50 -5.72 2.23
CA LYS A 26 1.62 -6.02 3.12
C LYS A 26 2.84 -5.17 2.80
N GLY A 27 2.95 -4.02 3.47
CA GLY A 27 4.08 -3.14 3.24
C GLY A 27 5.39 -3.74 3.69
N THR A 28 6.44 -3.52 2.90
CA THR A 28 7.76 -4.04 3.22
C THR A 28 8.76 -2.89 3.41
N GLY A 29 8.26 -1.67 3.54
CA GLY A 29 9.13 -0.53 3.72
C GLY A 29 9.78 -0.49 5.09
N PRO A 30 10.93 0.20 5.22
CA PRO A 30 11.66 0.31 6.49
C PRO A 30 10.75 0.59 7.67
N GLY A 31 10.51 -0.44 8.48
CA GLY A 31 9.65 -0.28 9.64
C GLY A 31 8.23 -0.77 9.37
N GLY A 32 8.09 -1.64 8.37
CA GLY A 32 6.78 -2.16 8.04
C GLY A 32 5.90 -1.14 7.34
N VAL A 33 6.52 -0.12 6.73
CA VAL A 33 5.76 0.91 6.06
C VAL A 33 5.44 0.50 4.62
N ILE A 34 4.16 0.53 4.26
CA ILE A 34 3.78 0.19 2.90
C ILE A 34 4.40 1.22 1.95
N THR A 35 5.35 0.78 1.15
CA THR A 35 6.04 1.69 0.25
C THR A 35 5.18 2.04 -0.94
N VAL A 36 5.48 3.18 -1.55
CA VAL A 36 4.73 3.65 -2.69
C VAL A 36 4.68 2.61 -3.80
N GLU A 37 5.81 1.97 -4.03
CA GLU A 37 5.91 0.93 -5.04
C GLU A 37 5.02 -0.25 -4.66
N ASP A 38 4.80 -0.42 -3.36
CA ASP A 38 3.97 -1.48 -2.85
C ASP A 38 2.51 -1.23 -3.20
N VAL A 39 2.06 -0.01 -2.95
CA VAL A 39 0.68 0.37 -3.23
C VAL A 39 0.45 0.56 -4.73
N LYS A 40 1.44 1.10 -5.43
CA LYS A 40 1.32 1.34 -6.86
C LYS A 40 1.16 0.03 -7.62
N ARG A 41 2.03 -0.93 -7.30
CA ARG A 41 1.99 -2.24 -7.96
C ARG A 41 0.78 -3.05 -7.50
N TRP A 42 0.45 -2.98 -6.22
CA TRP A 42 -0.69 -3.71 -5.68
C TRP A 42 -2.01 -3.13 -6.18
N ALA A 43 -2.17 -1.82 -6.05
CA ALA A 43 -3.39 -1.14 -6.48
C ALA A 43 -3.60 -1.28 -7.99
N GLU A 44 -2.52 -1.12 -8.76
CA GLU A 44 -2.61 -1.23 -10.20
C GLU A 44 -2.96 -2.65 -10.63
N GLU A 45 -2.34 -3.61 -9.95
CA GLU A 45 -2.58 -5.03 -10.26
C GLU A 45 -4.06 -5.38 -10.12
N THR A 46 -4.77 -4.63 -9.28
CA THR A 46 -6.19 -4.86 -9.06
C THR A 46 -7.01 -4.42 -10.28
N ALA A 47 -6.78 -3.19 -10.71
CA ALA A 47 -7.50 -2.65 -11.86
C ALA A 47 -7.03 -3.33 -13.14
N LYS A 48 -5.78 -3.80 -13.13
CA LYS A 48 -5.22 -4.49 -14.29
C LYS A 48 -5.94 -5.80 -14.54
N ALA A 49 -6.42 -6.42 -13.47
CA ALA A 49 -7.13 -7.69 -13.57
C ALA A 49 -8.58 -7.47 -14.02
N THR A 50 -9.37 -6.86 -13.13
CA THR A 50 -10.78 -6.60 -13.43
C THR A 50 -10.91 -5.40 -14.35
N ALA A 51 -12.16 -5.07 -14.69
CA ALA A 51 -12.43 -3.93 -15.57
C ALA A 51 -12.96 -2.73 -14.78
N GLY A 1 8.46 -3.47 11.33
CA GLY A 1 7.27 -3.61 12.21
C GLY A 1 7.60 -3.37 13.66
N SER A 2 7.51 -2.11 14.08
CA SER A 2 7.79 -1.74 15.47
C SER A 2 6.63 -2.11 16.38
N ARG A 3 5.42 -2.07 15.84
CA ARG A 3 4.23 -2.40 16.61
C ARG A 3 3.06 -2.74 15.68
N GLU A 4 2.58 -1.73 14.96
CA GLU A 4 1.46 -1.92 14.04
C GLU A 4 1.92 -1.79 12.60
N VAL A 5 0.97 -1.84 11.67
CA VAL A 5 1.28 -1.74 10.25
C VAL A 5 1.66 -0.31 9.88
N ALA A 6 2.90 -0.11 9.46
CA ALA A 6 3.35 1.22 9.07
C ALA A 6 2.92 1.54 7.65
N ALA A 7 2.73 2.83 7.38
CA ALA A 7 2.32 3.26 6.05
C ALA A 7 2.83 4.66 5.77
N MET A 8 3.98 4.75 5.08
CA MET A 8 4.57 6.05 4.75
C MET A 8 3.51 7.00 4.19
N PRO A 9 3.83 8.30 4.07
CA PRO A 9 2.88 9.31 3.56
C PRO A 9 2.52 9.10 2.10
N ALA A 10 3.53 8.89 1.27
CA ALA A 10 3.32 8.67 -0.16
C ALA A 10 2.33 7.54 -0.42
N ALA A 11 2.57 6.39 0.21
CA ALA A 11 1.71 5.23 0.06
C ALA A 11 0.36 5.45 0.72
N ARG A 12 0.36 6.20 1.81
CA ARG A 12 -0.87 6.51 2.53
C ARG A 12 -1.75 7.44 1.70
N ARG A 13 -1.13 8.49 1.19
CA ARG A 13 -1.83 9.48 0.38
C ARG A 13 -2.49 8.82 -0.82
N LEU A 14 -1.68 8.11 -1.61
CA LEU A 14 -2.18 7.43 -2.79
C LEU A 14 -3.21 6.37 -2.40
N ALA A 15 -2.93 5.64 -1.32
CA ALA A 15 -3.83 4.59 -0.86
C ALA A 15 -5.22 5.16 -0.58
N LYS A 16 -5.25 6.36 -0.01
CA LYS A 16 -6.52 7.02 0.30
C LYS A 16 -7.15 7.60 -0.95
N GLU A 17 -6.30 7.99 -1.91
CA GLU A 17 -6.79 8.57 -3.17
C GLU A 17 -7.17 7.48 -4.16
N LEU A 18 -6.71 6.26 -3.90
CA LEU A 18 -7.00 5.12 -4.77
C LEU A 18 -8.17 4.30 -4.21
N GLY A 19 -8.33 4.33 -2.90
CA GLY A 19 -9.41 3.60 -2.28
C GLY A 19 -9.02 2.19 -1.87
N ILE A 20 -7.76 2.00 -1.49
CA ILE A 20 -7.28 0.68 -1.07
C ILE A 20 -6.87 0.67 0.39
N ASP A 21 -7.07 -0.47 1.04
CA ASP A 21 -6.70 -0.62 2.44
C ASP A 21 -5.21 -0.91 2.55
N ALA A 22 -4.43 0.12 2.88
CA ALA A 22 -2.98 -0.04 3.01
C ALA A 22 -2.63 -1.27 3.85
N SER A 23 -3.45 -1.57 4.85
CA SER A 23 -3.22 -2.73 5.70
C SER A 23 -3.31 -4.00 4.88
N LYS A 24 -4.21 -4.01 3.90
CA LYS A 24 -4.36 -5.16 3.03
C LYS A 24 -3.15 -5.26 2.11
N VAL A 25 -2.44 -4.14 1.98
CA VAL A 25 -1.24 -4.06 1.17
C VAL A 25 0.00 -4.31 2.03
N LYS A 26 0.37 -5.58 2.18
CA LYS A 26 1.52 -5.96 2.99
C LYS A 26 2.76 -5.15 2.62
N GLY A 27 2.99 -4.06 3.34
CA GLY A 27 4.13 -3.21 3.08
C GLY A 27 5.43 -3.82 3.55
N THR A 28 6.49 -3.59 2.78
CA THR A 28 7.81 -4.12 3.13
C THR A 28 8.82 -2.98 3.35
N GLY A 29 8.32 -1.76 3.47
CA GLY A 29 9.20 -0.61 3.68
C GLY A 29 9.84 -0.61 5.06
N PRO A 30 11.03 0.02 5.19
CA PRO A 30 11.76 0.09 6.45
C PRO A 30 10.86 0.44 7.63
N GLY A 31 10.60 -0.54 8.49
CA GLY A 31 9.76 -0.32 9.64
C GLY A 31 8.34 -0.78 9.41
N GLY A 32 8.14 -1.62 8.40
CA GLY A 32 6.82 -2.11 8.09
C GLY A 32 5.96 -1.08 7.37
N VAL A 33 6.60 -0.11 6.73
CA VAL A 33 5.87 0.93 6.03
C VAL A 33 5.54 0.50 4.61
N ILE A 34 4.27 0.55 4.25
CA ILE A 34 3.86 0.19 2.91
C ILE A 34 4.45 1.21 1.94
N THR A 35 5.39 0.78 1.13
CA THR A 35 6.05 1.69 0.21
C THR A 35 5.15 2.03 -0.97
N VAL A 36 5.43 3.17 -1.58
CA VAL A 36 4.64 3.63 -2.72
C VAL A 36 4.57 2.57 -3.80
N GLU A 37 5.71 1.94 -4.06
CA GLU A 37 5.79 0.89 -5.06
C GLU A 37 4.92 -0.30 -4.66
N ASP A 38 4.74 -0.45 -3.35
CA ASP A 38 3.94 -1.53 -2.81
C ASP A 38 2.46 -1.31 -3.10
N VAL A 39 1.98 -0.10 -2.82
CA VAL A 39 0.57 0.24 -3.07
C VAL A 39 0.31 0.38 -4.56
N LYS A 40 1.23 1.03 -5.27
CA LYS A 40 1.08 1.24 -6.70
C LYS A 40 0.98 -0.09 -7.45
N ARG A 41 1.90 -0.99 -7.17
CA ARG A 41 1.91 -2.30 -7.81
C ARG A 41 0.67 -3.11 -7.40
N TRP A 42 0.33 -3.05 -6.12
CA TRP A 42 -0.83 -3.76 -5.60
C TRP A 42 -2.13 -3.21 -6.21
N ALA A 43 -2.19 -1.89 -6.38
CA ALA A 43 -3.37 -1.25 -6.94
C ALA A 43 -3.47 -1.50 -8.45
N GLU A 44 -2.41 -1.17 -9.18
CA GLU A 44 -2.39 -1.36 -10.62
C GLU A 44 -2.72 -2.80 -10.99
N GLU A 45 -2.22 -3.74 -10.19
CA GLU A 45 -2.45 -5.16 -10.44
C GLU A 45 -3.95 -5.46 -10.49
N THR A 46 -4.74 -4.65 -9.79
CA THR A 46 -6.18 -4.83 -9.75
C THR A 46 -6.80 -4.46 -11.09
N ALA A 47 -6.48 -3.27 -11.58
CA ALA A 47 -7.01 -2.80 -12.86
C ALA A 47 -6.35 -3.54 -14.01
N LYS A 48 -5.10 -3.95 -13.80
CA LYS A 48 -4.35 -4.68 -14.81
C LYS A 48 -5.01 -6.02 -15.12
N ALA A 49 -5.65 -6.60 -14.11
CA ALA A 49 -6.32 -7.89 -14.27
C ALA A 49 -7.79 -7.70 -14.62
N THR A 50 -8.09 -7.72 -15.92
CA THR A 50 -9.46 -7.55 -16.38
C THR A 50 -10.05 -8.87 -16.85
N ALA A 51 -9.19 -9.74 -17.37
CA ALA A 51 -9.61 -11.04 -17.86
C ALA A 51 -8.46 -12.03 -17.88
N GLY A 1 8.39 -4.88 20.30
CA GLY A 1 8.75 -5.43 18.97
C GLY A 1 7.66 -5.23 17.94
N SER A 2 6.41 -5.35 18.37
CA SER A 2 5.27 -5.18 17.49
C SER A 2 4.80 -3.73 17.47
N ARG A 3 5.00 -3.05 16.35
CA ARG A 3 4.59 -1.66 16.22
C ARG A 3 3.47 -1.52 15.19
N GLU A 4 2.64 -2.55 15.09
CA GLU A 4 1.53 -2.54 14.13
C GLU A 4 2.04 -2.40 12.70
N VAL A 5 1.12 -2.12 11.78
CA VAL A 5 1.49 -1.95 10.38
C VAL A 5 1.83 -0.50 10.07
N ALA A 6 2.97 -0.29 9.45
CA ALA A 6 3.40 1.07 9.09
C ALA A 6 2.94 1.43 7.69
N ALA A 7 2.79 2.72 7.44
CA ALA A 7 2.38 3.20 6.13
C ALA A 7 2.84 4.62 5.90
N MET A 8 3.98 4.77 5.22
CA MET A 8 4.53 6.10 4.94
C MET A 8 3.43 7.03 4.40
N PRO A 9 3.69 8.35 4.32
CA PRO A 9 2.70 9.31 3.84
C PRO A 9 2.45 9.20 2.34
N ALA A 10 3.50 8.86 1.61
CA ALA A 10 3.40 8.71 0.16
C ALA A 10 2.39 7.62 -0.20
N ALA A 11 2.59 6.44 0.37
CA ALA A 11 1.70 5.31 0.12
C ALA A 11 0.34 5.54 0.78
N ARG A 12 0.36 6.23 1.92
CA ARG A 12 -0.86 6.54 2.64
C ARG A 12 -1.72 7.50 1.84
N ARG A 13 -1.08 8.54 1.33
CA ARG A 13 -1.76 9.55 0.54
C ARG A 13 -2.41 8.93 -0.69
N LEU A 14 -1.61 8.24 -1.48
CA LEU A 14 -2.10 7.59 -2.69
C LEU A 14 -3.13 6.52 -2.34
N ALA A 15 -2.86 5.76 -1.28
CA ALA A 15 -3.76 4.71 -0.84
C ALA A 15 -5.15 5.27 -0.55
N LYS A 16 -5.18 6.46 0.05
CA LYS A 16 -6.44 7.12 0.39
C LYS A 16 -7.07 7.74 -0.85
N GLU A 17 -6.23 8.15 -1.80
CA GLU A 17 -6.71 8.76 -3.03
C GLU A 17 -7.17 7.69 -4.03
N LEU A 18 -6.61 6.49 -3.89
CA LEU A 18 -6.95 5.38 -4.77
C LEU A 18 -8.13 4.59 -4.21
N GLY A 19 -8.26 4.60 -2.89
CA GLY A 19 -9.36 3.88 -2.26
C GLY A 19 -9.01 2.45 -1.91
N ILE A 20 -7.74 2.20 -1.63
CA ILE A 20 -7.29 0.85 -1.28
C ILE A 20 -6.89 0.77 0.19
N ASP A 21 -7.14 -0.39 0.80
CA ASP A 21 -6.80 -0.61 2.20
C ASP A 21 -5.31 -0.91 2.31
N ALA A 22 -4.53 0.10 2.71
CA ALA A 22 -3.09 -0.07 2.86
C ALA A 22 -2.77 -1.32 3.69
N SER A 23 -3.63 -1.63 4.64
CA SER A 23 -3.45 -2.81 5.48
C SER A 23 -3.50 -4.07 4.63
N LYS A 24 -4.35 -4.03 3.60
CA LYS A 24 -4.47 -5.16 2.69
C LYS A 24 -3.23 -5.23 1.81
N VAL A 25 -2.52 -4.10 1.73
CA VAL A 25 -1.30 -4.01 0.95
C VAL A 25 -0.08 -4.24 1.85
N LYS A 26 0.31 -5.50 1.99
CA LYS A 26 1.44 -5.88 2.84
C LYS A 26 2.68 -5.04 2.50
N GLY A 27 2.91 -4.01 3.31
CA GLY A 27 4.05 -3.15 3.09
C GLY A 27 5.37 -3.76 3.54
N THR A 28 6.42 -3.54 2.76
CA THR A 28 7.74 -4.07 3.06
C THR A 28 8.76 -2.93 3.28
N GLY A 29 8.26 -1.72 3.41
CA GLY A 29 9.14 -0.57 3.61
C GLY A 29 9.81 -0.58 4.96
N PRO A 30 10.98 0.09 5.09
CA PRO A 30 11.73 0.16 6.35
C PRO A 30 10.84 0.45 7.56
N GLY A 31 10.60 -0.58 8.37
CA GLY A 31 9.77 -0.42 9.55
C GLY A 31 8.35 -0.88 9.30
N GLY A 32 8.17 -1.72 8.28
CA GLY A 32 6.85 -2.23 7.96
C GLY A 32 5.97 -1.19 7.30
N VAL A 33 6.59 -0.17 6.69
CA VAL A 33 5.83 0.88 6.03
C VAL A 33 5.50 0.48 4.60
N ILE A 34 4.21 0.51 4.25
CA ILE A 34 3.82 0.18 2.90
C ILE A 34 4.41 1.21 1.95
N THR A 35 5.35 0.79 1.13
CA THR A 35 6.01 1.69 0.23
C THR A 35 5.13 2.06 -0.96
N VAL A 36 5.43 3.20 -1.56
CA VAL A 36 4.66 3.69 -2.70
C VAL A 36 4.62 2.65 -3.80
N GLU A 37 5.75 2.01 -4.04
CA GLU A 37 5.86 0.98 -5.06
C GLU A 37 4.96 -0.20 -4.70
N ASP A 38 4.74 -0.38 -3.40
CA ASP A 38 3.90 -1.46 -2.92
C ASP A 38 2.43 -1.21 -3.24
N VAL A 39 1.97 0.00 -2.91
CA VAL A 39 0.57 0.36 -3.18
C VAL A 39 0.33 0.53 -4.67
N LYS A 40 1.29 1.16 -5.35
CA LYS A 40 1.17 1.40 -6.79
C LYS A 40 1.08 0.08 -7.56
N ARG A 41 2.00 -0.83 -7.26
CA ARG A 41 2.02 -2.13 -7.93
C ARG A 41 0.79 -2.94 -7.56
N TRP A 42 0.35 -2.79 -6.31
CA TRP A 42 -0.83 -3.52 -5.85
C TRP A 42 -2.11 -2.99 -6.49
N ALA A 43 -2.20 -1.66 -6.59
CA ALA A 43 -3.37 -1.03 -7.18
C ALA A 43 -3.48 -1.37 -8.67
N GLU A 44 -2.36 -1.32 -9.37
CA GLU A 44 -2.34 -1.62 -10.80
C GLU A 44 -2.66 -3.08 -11.05
N GLU A 45 -2.14 -3.96 -10.19
CA GLU A 45 -2.38 -5.39 -10.31
C GLU A 45 -3.87 -5.69 -10.34
N THR A 46 -4.61 -5.05 -9.43
CA THR A 46 -6.04 -5.24 -9.33
C THR A 46 -6.73 -4.93 -10.66
N ALA A 47 -6.43 -3.77 -11.22
CA ALA A 47 -7.01 -3.37 -12.49
C ALA A 47 -6.39 -4.18 -13.64
N LYS A 48 -5.18 -4.68 -13.40
CA LYS A 48 -4.48 -5.47 -14.39
C LYS A 48 -5.16 -6.82 -14.61
N ALA A 49 -5.67 -7.39 -13.51
CA ALA A 49 -6.36 -8.67 -13.57
C ALA A 49 -7.74 -8.53 -14.20
N THR A 50 -7.85 -8.88 -15.47
CA THR A 50 -9.12 -8.80 -16.19
C THR A 50 -10.03 -9.97 -15.84
N ALA A 51 -11.33 -9.74 -15.90
CA ALA A 51 -12.30 -10.78 -15.58
C ALA A 51 -12.14 -11.98 -16.50
N GLY A 1 8.64 -2.94 22.84
CA GLY A 1 8.36 -1.89 21.83
C GLY A 1 8.04 -2.47 20.47
N SER A 2 6.80 -2.90 20.28
CA SER A 2 6.36 -3.49 19.03
C SER A 2 6.21 -2.41 17.95
N ARG A 3 5.63 -2.79 16.81
CA ARG A 3 5.43 -1.85 15.72
C ARG A 3 4.29 -2.32 14.81
N GLU A 4 3.14 -1.68 14.94
CA GLU A 4 1.98 -2.03 14.13
C GLU A 4 2.27 -1.87 12.64
N VAL A 5 1.23 -1.88 11.82
CA VAL A 5 1.39 -1.74 10.38
C VAL A 5 1.75 -0.31 10.01
N ALA A 6 2.94 -0.11 9.47
CA ALA A 6 3.38 1.22 9.07
C ALA A 6 2.94 1.53 7.65
N ALA A 7 2.73 2.82 7.38
CA ALA A 7 2.31 3.26 6.05
C ALA A 7 2.84 4.65 5.76
N MET A 8 3.98 4.73 5.08
CA MET A 8 4.58 6.02 4.74
C MET A 8 3.53 6.99 4.18
N PRO A 9 3.87 8.28 4.06
CA PRO A 9 2.94 9.31 3.56
C PRO A 9 2.56 9.10 2.10
N ALA A 10 3.56 8.87 1.27
CA ALA A 10 3.34 8.67 -0.16
C ALA A 10 2.33 7.54 -0.41
N ALA A 11 2.57 6.40 0.23
CA ALA A 11 1.69 5.25 0.08
C ALA A 11 0.35 5.49 0.77
N ARG A 12 0.40 6.23 1.88
CA ARG A 12 -0.81 6.54 2.63
C ARG A 12 -1.71 7.48 1.82
N ARG A 13 -1.09 8.50 1.25
CA ARG A 13 -1.81 9.48 0.44
C ARG A 13 -2.48 8.82 -0.75
N LEU A 14 -1.68 8.13 -1.57
CA LEU A 14 -2.19 7.46 -2.74
C LEU A 14 -3.23 6.40 -2.35
N ALA A 15 -2.94 5.65 -1.29
CA ALA A 15 -3.84 4.61 -0.82
C ALA A 15 -5.23 5.19 -0.52
N LYS A 16 -5.24 6.37 0.08
CA LYS A 16 -6.50 7.03 0.42
C LYS A 16 -7.14 7.64 -0.82
N GLU A 17 -6.31 8.04 -1.78
CA GLU A 17 -6.81 8.64 -3.02
C GLU A 17 -7.27 7.57 -4.00
N LEU A 18 -6.75 6.36 -3.85
CA LEU A 18 -7.09 5.25 -4.72
C LEU A 18 -8.25 4.45 -4.15
N GLY A 19 -8.37 4.45 -2.82
CA GLY A 19 -9.45 3.72 -2.17
C GLY A 19 -9.06 2.30 -1.80
N ILE A 20 -7.79 2.08 -1.50
CA ILE A 20 -7.32 0.75 -1.12
C ILE A 20 -6.89 0.72 0.35
N ASP A 21 -7.11 -0.42 0.99
CA ASP A 21 -6.74 -0.59 2.39
C ASP A 21 -5.24 -0.90 2.49
N ALA A 22 -4.45 0.12 2.84
CA ALA A 22 -3.01 -0.06 2.97
C ALA A 22 -2.68 -1.29 3.80
N SER A 23 -3.51 -1.58 4.79
CA SER A 23 -3.30 -2.74 5.64
C SER A 23 -3.40 -4.01 4.82
N LYS A 24 -4.27 -4.01 3.82
CA LYS A 24 -4.43 -5.14 2.94
C LYS A 24 -3.21 -5.24 2.03
N VAL A 25 -2.49 -4.12 1.91
CA VAL A 25 -1.29 -4.05 1.10
C VAL A 25 -0.06 -4.28 1.97
N LYS A 26 0.33 -5.55 2.12
CA LYS A 26 1.49 -5.90 2.93
C LYS A 26 2.71 -5.08 2.57
N GLY A 27 2.96 -4.03 3.35
CA GLY A 27 4.10 -3.17 3.10
C GLY A 27 5.41 -3.80 3.54
N THR A 28 6.46 -3.56 2.75
CA THR A 28 7.79 -4.11 3.07
C THR A 28 8.80 -2.99 3.28
N GLY A 29 8.32 -1.76 3.44
CA GLY A 29 9.21 -0.63 3.65
C GLY A 29 9.85 -0.64 5.03
N PRO A 30 11.03 -0.02 5.16
CA PRO A 30 11.77 0.05 6.44
C PRO A 30 10.87 0.39 7.62
N GLY A 31 10.62 -0.59 8.48
CA GLY A 31 9.80 -0.37 9.64
C GLY A 31 8.36 -0.82 9.40
N GLY A 32 8.17 -1.65 8.38
CA GLY A 32 6.83 -2.14 8.07
C GLY A 32 5.98 -1.11 7.35
N VAL A 33 6.62 -0.12 6.72
CA VAL A 33 5.88 0.92 6.02
C VAL A 33 5.55 0.49 4.60
N ILE A 34 4.27 0.55 4.25
CA ILE A 34 3.88 0.20 2.90
C ILE A 34 4.45 1.23 1.94
N THR A 35 5.40 0.81 1.13
CA THR A 35 6.05 1.74 0.21
C THR A 35 5.15 2.07 -0.97
N VAL A 36 5.42 3.21 -1.58
CA VAL A 36 4.62 3.67 -2.71
C VAL A 36 4.57 2.62 -3.81
N GLU A 37 5.72 2.02 -4.07
CA GLU A 37 5.82 0.98 -5.09
C GLU A 37 4.96 -0.21 -4.70
N ASP A 38 4.77 -0.39 -3.39
CA ASP A 38 3.96 -1.48 -2.87
C ASP A 38 2.48 -1.27 -3.19
N VAL A 39 1.97 -0.10 -2.79
CA VAL A 39 0.57 0.22 -3.05
C VAL A 39 0.30 0.34 -4.54
N LYS A 40 1.21 1.01 -5.25
CA LYS A 40 1.07 1.19 -6.69
C LYS A 40 0.96 -0.17 -7.39
N ARG A 41 1.86 -1.07 -7.05
CA ARG A 41 1.86 -2.40 -7.66
C ARG A 41 0.58 -3.15 -7.32
N TRP A 42 0.09 -2.95 -6.09
CA TRP A 42 -1.12 -3.61 -5.64
C TRP A 42 -2.35 -3.04 -6.35
N ALA A 43 -2.38 -1.72 -6.50
CA ALA A 43 -3.50 -1.05 -7.16
C ALA A 43 -3.54 -1.36 -8.64
N GLU A 44 -2.39 -1.22 -9.30
CA GLU A 44 -2.29 -1.48 -10.73
C GLU A 44 -2.64 -2.93 -11.04
N GLU A 45 -2.13 -3.84 -10.20
CA GLU A 45 -2.38 -5.26 -10.39
C GLU A 45 -3.88 -5.56 -10.44
N THR A 46 -4.67 -4.72 -9.79
CA THR A 46 -6.11 -4.88 -9.76
C THR A 46 -6.71 -4.58 -11.13
N ALA A 47 -6.37 -3.42 -11.67
CA ALA A 47 -6.87 -3.01 -12.98
C ALA A 47 -6.17 -3.80 -14.09
N LYS A 48 -4.94 -4.24 -13.81
CA LYS A 48 -4.16 -5.00 -14.78
C LYS A 48 -4.77 -6.38 -14.99
N ALA A 49 -5.32 -6.94 -13.92
CA ALA A 49 -5.92 -8.27 -13.99
C ALA A 49 -7.06 -8.31 -15.01
N THR A 50 -6.80 -8.90 -16.16
CA THR A 50 -7.80 -9.00 -17.22
C THR A 50 -7.88 -10.43 -17.75
N ALA A 51 -9.10 -10.91 -17.94
CA ALA A 51 -9.33 -12.25 -18.43
C ALA A 51 -10.51 -12.29 -19.41
N GLY A 1 9.83 -9.34 9.47
CA GLY A 1 8.51 -9.54 10.13
C GLY A 1 8.23 -8.51 11.21
N SER A 2 7.86 -7.30 10.80
CA SER A 2 7.57 -6.23 11.73
C SER A 2 6.29 -6.52 12.51
N ARG A 3 6.15 -5.89 13.67
CA ARG A 3 4.97 -6.07 14.50
C ARG A 3 3.84 -5.14 14.07
N GLU A 4 3.96 -3.87 14.42
CA GLU A 4 2.96 -2.87 14.06
C GLU A 4 2.96 -2.62 12.56
N VAL A 5 1.82 -2.18 12.02
CA VAL A 5 1.71 -1.91 10.61
C VAL A 5 2.03 -0.44 10.31
N ALA A 6 3.02 -0.22 9.45
CA ALA A 6 3.40 1.13 9.07
C ALA A 6 2.92 1.47 7.67
N ALA A 7 2.72 2.75 7.42
CA ALA A 7 2.28 3.22 6.12
C ALA A 7 2.79 4.62 5.84
N MET A 8 3.92 4.73 5.13
CA MET A 8 4.50 6.02 4.81
C MET A 8 3.44 6.98 4.24
N PRO A 9 3.74 8.28 4.16
CA PRO A 9 2.81 9.29 3.66
C PRO A 9 2.47 9.11 2.18
N ALA A 10 3.50 8.92 1.36
CA ALA A 10 3.32 8.74 -0.08
C ALA A 10 2.33 7.61 -0.37
N ALA A 11 2.58 6.46 0.25
CA ALA A 11 1.73 5.28 0.05
C ALA A 11 0.36 5.50 0.68
N ARG A 12 0.32 6.21 1.79
CA ARG A 12 -0.92 6.49 2.48
C ARG A 12 -1.79 7.42 1.65
N ARG A 13 -1.18 8.50 1.17
CA ARG A 13 -1.87 9.49 0.36
C ARG A 13 -2.48 8.84 -0.88
N LEU A 14 -1.64 8.18 -1.66
CA LEU A 14 -2.09 7.51 -2.87
C LEU A 14 -3.11 6.44 -2.54
N ALA A 15 -2.85 5.69 -1.47
CA ALA A 15 -3.76 4.61 -1.06
C ALA A 15 -5.17 5.14 -0.86
N LYS A 16 -5.28 6.34 -0.29
CA LYS A 16 -6.57 6.96 -0.04
C LYS A 16 -7.15 7.54 -1.32
N GLU A 17 -6.27 8.00 -2.21
CA GLU A 17 -6.70 8.57 -3.48
C GLU A 17 -7.03 7.48 -4.50
N LEU A 18 -6.51 6.28 -4.26
CA LEU A 18 -6.74 5.14 -5.13
C LEU A 18 -7.87 4.28 -4.59
N GLY A 19 -8.04 4.29 -3.28
CA GLY A 19 -9.08 3.49 -2.66
C GLY A 19 -8.66 2.04 -2.51
N ILE A 20 -7.42 1.82 -2.09
CA ILE A 20 -6.90 0.48 -1.91
C ILE A 20 -6.53 0.23 -0.45
N ASP A 21 -7.01 -0.88 0.10
CA ASP A 21 -6.73 -1.23 1.49
C ASP A 21 -5.22 -1.33 1.72
N ALA A 22 -4.65 -0.29 2.31
CA ALA A 22 -3.22 -0.27 2.60
C ALA A 22 -2.84 -1.43 3.51
N SER A 23 -3.66 -1.68 4.53
CA SER A 23 -3.40 -2.77 5.46
C SER A 23 -3.29 -4.09 4.70
N LYS A 24 -4.27 -4.34 3.82
CA LYS A 24 -4.24 -5.55 3.01
C LYS A 24 -2.95 -5.59 2.20
N VAL A 25 -2.41 -4.41 1.91
CA VAL A 25 -1.16 -4.28 1.17
C VAL A 25 0.02 -4.42 2.11
N LYS A 26 0.44 -5.66 2.36
CA LYS A 26 1.57 -5.93 3.25
C LYS A 26 2.79 -5.10 2.88
N GLY A 27 2.95 -3.98 3.58
CA GLY A 27 4.08 -3.11 3.32
C GLY A 27 5.41 -3.70 3.77
N THR A 28 6.44 -3.50 2.97
CA THR A 28 7.77 -4.03 3.30
C THR A 28 8.78 -2.89 3.47
N GLY A 29 8.28 -1.67 3.58
CA GLY A 29 9.16 -0.52 3.74
C GLY A 29 9.82 -0.47 5.11
N PRO A 30 10.92 0.30 5.25
CA PRO A 30 11.65 0.44 6.52
C PRO A 30 10.74 0.65 7.72
N GLY A 31 10.53 -0.43 8.47
CA GLY A 31 9.67 -0.35 9.64
C GLY A 31 8.26 -0.82 9.36
N GLY A 32 8.11 -1.68 8.34
CA GLY A 32 6.81 -2.19 7.99
C GLY A 32 5.95 -1.15 7.30
N VAL A 33 6.57 -0.13 6.71
CA VAL A 33 5.82 0.92 6.03
C VAL A 33 5.49 0.51 4.60
N ILE A 34 4.21 0.53 4.26
CA ILE A 34 3.82 0.20 2.90
C ILE A 34 4.42 1.23 1.95
N THR A 35 5.37 0.79 1.15
CA THR A 35 6.06 1.70 0.24
C THR A 35 5.18 2.05 -0.94
N VAL A 36 5.48 3.19 -1.55
CA VAL A 36 4.72 3.66 -2.69
C VAL A 36 4.66 2.61 -3.78
N GLU A 37 5.79 1.97 -4.03
CA GLU A 37 5.87 0.92 -5.03
C GLU A 37 4.99 -0.26 -4.63
N ASP A 38 4.80 -0.41 -3.32
CA ASP A 38 3.97 -1.49 -2.80
C ASP A 38 2.50 -1.25 -3.13
N VAL A 39 2.04 -0.04 -2.87
CA VAL A 39 0.65 0.32 -3.16
C VAL A 39 0.42 0.48 -4.65
N LYS A 40 1.38 1.08 -5.34
CA LYS A 40 1.27 1.29 -6.78
C LYS A 40 1.11 -0.03 -7.52
N ARG A 41 1.97 -0.98 -7.20
CA ARG A 41 1.94 -2.29 -7.83
C ARG A 41 0.72 -3.10 -7.40
N TRP A 42 0.38 -3.02 -6.12
CA TRP A 42 -0.77 -3.75 -5.59
C TRP A 42 -2.09 -3.21 -6.12
N ALA A 43 -2.25 -1.89 -6.07
CA ALA A 43 -3.46 -1.24 -6.55
C ALA A 43 -3.61 -1.36 -8.06
N GLU A 44 -2.50 -1.17 -8.78
CA GLU A 44 -2.52 -1.25 -10.23
C GLU A 44 -2.88 -2.65 -10.70
N GLU A 45 -2.31 -3.65 -10.03
CA GLU A 45 -2.56 -5.05 -10.37
C GLU A 45 -4.05 -5.37 -10.27
N THR A 46 -4.74 -4.69 -9.36
CA THR A 46 -6.16 -4.90 -9.16
C THR A 46 -6.96 -4.33 -10.32
N ALA A 47 -6.69 -3.08 -10.66
CA ALA A 47 -7.38 -2.41 -11.76
C ALA A 47 -6.92 -2.99 -13.09
N LYS A 48 -5.67 -3.48 -13.13
CA LYS A 48 -5.11 -4.06 -14.33
C LYS A 48 -5.87 -5.33 -14.72
N ALA A 49 -6.39 -6.03 -13.72
CA ALA A 49 -7.15 -7.25 -13.96
C ALA A 49 -8.49 -6.95 -14.62
N THR A 50 -9.05 -5.79 -14.30
CA THR A 50 -10.34 -5.38 -14.86
C THR A 50 -10.18 -4.91 -16.30
N ALA A 51 -9.47 -3.81 -16.49
CA ALA A 51 -9.24 -3.26 -17.83
C ALA A 51 -8.23 -2.12 -17.77
N GLY A 1 0.83 6.27 18.72
CA GLY A 1 0.84 6.67 17.29
C GLY A 1 1.22 5.52 16.37
N SER A 2 2.07 4.64 16.86
CA SER A 2 2.51 3.49 16.07
C SER A 2 2.07 2.17 16.73
N ARG A 3 1.22 1.42 16.03
CA ARG A 3 0.73 0.15 16.55
C ARG A 3 1.64 -0.99 16.12
N GLU A 4 1.66 -1.28 14.83
CA GLU A 4 2.49 -2.35 14.29
C GLU A 4 2.66 -2.21 12.78
N VAL A 5 1.56 -1.93 12.09
CA VAL A 5 1.58 -1.76 10.65
C VAL A 5 1.94 -0.34 10.27
N ALA A 6 3.04 -0.17 9.56
CA ALA A 6 3.48 1.15 9.14
C ALA A 6 3.00 1.47 7.73
N ALA A 7 2.80 2.75 7.46
CA ALA A 7 2.35 3.20 6.15
C ALA A 7 2.85 4.61 5.87
N MET A 8 3.98 4.71 5.16
CA MET A 8 4.55 6.02 4.83
C MET A 8 3.48 6.97 4.28
N PRO A 9 3.77 8.27 4.21
CA PRO A 9 2.83 9.28 3.72
C PRO A 9 2.48 9.11 2.25
N ALA A 10 3.51 8.93 1.43
CA ALA A 10 3.32 8.77 -0.02
C ALA A 10 2.35 7.62 -0.32
N ALA A 11 2.59 6.47 0.29
CA ALA A 11 1.75 5.30 0.09
C ALA A 11 0.37 5.50 0.71
N ARG A 12 0.34 6.21 1.83
CA ARG A 12 -0.90 6.48 2.53
C ARG A 12 -1.78 7.43 1.71
N ARG A 13 -1.16 8.50 1.26
CA ARG A 13 -1.85 9.51 0.46
C ARG A 13 -2.47 8.89 -0.78
N LEU A 14 -1.64 8.21 -1.57
CA LEU A 14 -2.10 7.58 -2.78
C LEU A 14 -3.13 6.51 -2.46
N ALA A 15 -2.90 5.76 -1.38
CA ALA A 15 -3.82 4.71 -0.97
C ALA A 15 -5.22 5.28 -0.76
N LYS A 16 -5.28 6.49 -0.22
CA LYS A 16 -6.54 7.15 0.05
C LYS A 16 -7.14 7.72 -1.25
N GLU A 17 -6.27 8.14 -2.15
CA GLU A 17 -6.71 8.69 -3.44
C GLU A 17 -7.07 7.58 -4.42
N LEU A 18 -6.54 6.39 -4.16
CA LEU A 18 -6.78 5.23 -5.00
C LEU A 18 -7.92 4.39 -4.45
N GLY A 19 -8.10 4.44 -3.13
CA GLY A 19 -9.14 3.67 -2.50
C GLY A 19 -8.77 2.22 -2.34
N ILE A 20 -7.52 1.98 -1.92
CA ILE A 20 -7.02 0.63 -1.73
C ILE A 20 -6.63 0.39 -0.28
N ASP A 21 -7.12 -0.70 0.29
CA ASP A 21 -6.81 -1.04 1.68
C ASP A 21 -5.31 -1.22 1.87
N ALA A 22 -4.66 -0.19 2.43
CA ALA A 22 -3.23 -0.23 2.65
C ALA A 22 -2.85 -1.42 3.53
N SER A 23 -3.67 -1.68 4.56
CA SER A 23 -3.43 -2.80 5.46
C SER A 23 -3.32 -4.10 4.68
N LYS A 24 -4.30 -4.34 3.81
CA LYS A 24 -4.28 -5.54 2.99
C LYS A 24 -2.99 -5.58 2.16
N VAL A 25 -2.45 -4.39 1.90
CA VAL A 25 -1.20 -4.27 1.15
C VAL A 25 -0.01 -4.42 2.09
N LYS A 26 0.40 -5.66 2.32
CA LYS A 26 1.51 -5.96 3.21
C LYS A 26 2.75 -5.13 2.85
N GLY A 27 2.91 -4.00 3.52
CA GLY A 27 4.05 -3.14 3.27
C GLY A 27 5.37 -3.76 3.68
N THR A 28 6.39 -3.55 2.88
CA THR A 28 7.72 -4.09 3.16
C THR A 28 8.75 -2.96 3.33
N GLY A 29 8.26 -1.74 3.47
CA GLY A 29 9.16 -0.60 3.63
C GLY A 29 9.84 -0.59 4.99
N PRO A 30 11.01 0.08 5.10
CA PRO A 30 11.76 0.17 6.36
C PRO A 30 10.87 0.47 7.56
N GLY A 31 10.62 -0.56 8.37
CA GLY A 31 9.79 -0.40 9.54
C GLY A 31 8.36 -0.85 9.30
N GLY A 32 8.17 -1.71 8.30
CA GLY A 32 6.85 -2.20 8.00
C GLY A 32 5.99 -1.16 7.32
N VAL A 33 6.61 -0.16 6.70
CA VAL A 33 5.86 0.88 6.03
C VAL A 33 5.51 0.48 4.60
N ILE A 34 4.23 0.52 4.27
CA ILE A 34 3.81 0.20 2.92
C ILE A 34 4.40 1.23 1.97
N THR A 35 5.34 0.79 1.15
CA THR A 35 6.02 1.69 0.23
C THR A 35 5.14 2.07 -0.94
N VAL A 36 5.44 3.21 -1.53
CA VAL A 36 4.67 3.71 -2.67
C VAL A 36 4.58 2.67 -3.77
N GLU A 37 5.70 2.02 -4.04
CA GLU A 37 5.75 0.98 -5.06
C GLU A 37 4.88 -0.19 -4.65
N ASP A 38 4.73 -0.38 -3.34
CA ASP A 38 3.91 -1.46 -2.82
C ASP A 38 2.44 -1.22 -3.13
N VAL A 39 1.98 -0.01 -2.87
CA VAL A 39 0.58 0.36 -3.12
C VAL A 39 0.31 0.53 -4.61
N LYS A 40 1.22 1.21 -5.31
CA LYS A 40 1.06 1.46 -6.72
C LYS A 40 0.99 0.16 -7.52
N ARG A 41 1.86 -0.78 -7.20
CA ARG A 41 1.90 -2.06 -7.88
C ARG A 41 0.73 -2.95 -7.46
N TRP A 42 0.42 -2.93 -6.16
CA TRP A 42 -0.67 -3.74 -5.63
C TRP A 42 -2.03 -3.25 -6.13
N ALA A 43 -2.21 -1.93 -6.13
CA ALA A 43 -3.46 -1.34 -6.59
C ALA A 43 -3.63 -1.48 -8.09
N GLU A 44 -2.59 -1.15 -8.84
CA GLU A 44 -2.63 -1.25 -10.30
C GLU A 44 -2.89 -2.68 -10.73
N GLU A 45 -2.29 -3.63 -10.03
CA GLU A 45 -2.44 -5.04 -10.34
C GLU A 45 -3.92 -5.46 -10.30
N THR A 46 -4.69 -4.77 -9.46
CA THR A 46 -6.11 -5.07 -9.32
C THR A 46 -6.86 -4.68 -10.60
N ALA A 47 -6.67 -3.45 -11.05
CA ALA A 47 -7.32 -2.98 -12.26
C ALA A 47 -6.66 -3.56 -13.50
N LYS A 48 -5.40 -3.96 -13.35
CA LYS A 48 -4.65 -4.54 -14.46
C LYS A 48 -5.13 -5.96 -14.76
N ALA A 49 -5.65 -6.63 -13.74
CA ALA A 49 -6.14 -8.00 -13.90
C ALA A 49 -7.16 -8.09 -15.02
N THR A 50 -6.75 -8.64 -16.15
CA THR A 50 -7.63 -8.80 -17.31
C THR A 50 -8.23 -7.46 -17.71
N ALA A 51 -7.69 -6.87 -18.78
CA ALA A 51 -8.18 -5.59 -19.26
C ALA A 51 -8.26 -5.57 -20.79
N GLY A 1 8.57 -6.93 8.73
CA GLY A 1 8.82 -5.48 9.01
C GLY A 1 8.90 -5.17 10.48
N SER A 2 7.76 -5.07 11.14
CA SER A 2 7.71 -4.77 12.56
C SER A 2 6.42 -5.29 13.19
N ARG A 3 6.18 -4.93 14.45
CA ARG A 3 4.99 -5.35 15.15
C ARG A 3 3.75 -4.65 14.61
N GLU A 4 3.75 -3.32 14.65
CA GLU A 4 2.63 -2.53 14.17
C GLU A 4 2.74 -2.32 12.65
N VAL A 5 1.60 -2.03 12.02
CA VAL A 5 1.56 -1.81 10.58
C VAL A 5 1.93 -0.37 10.25
N ALA A 6 3.02 -0.19 9.51
CA ALA A 6 3.44 1.14 9.12
C ALA A 6 2.97 1.48 7.71
N ALA A 7 2.78 2.77 7.45
CA ALA A 7 2.34 3.23 6.15
C ALA A 7 2.86 4.63 5.86
N MET A 8 3.98 4.73 5.15
CA MET A 8 4.57 6.02 4.83
C MET A 8 3.51 6.99 4.30
N PRO A 9 3.82 8.29 4.22
CA PRO A 9 2.87 9.31 3.75
C PRO A 9 2.52 9.15 2.27
N ALA A 10 3.54 8.97 1.44
CA ALA A 10 3.33 8.81 0.00
C ALA A 10 2.36 7.68 -0.30
N ALA A 11 2.61 6.51 0.30
CA ALA A 11 1.75 5.35 0.09
C ALA A 11 0.38 5.55 0.74
N ARG A 12 0.37 6.25 1.87
CA ARG A 12 -0.87 6.51 2.59
C ARG A 12 -1.76 7.45 1.79
N ARG A 13 -1.16 8.54 1.33
CA ARG A 13 -1.88 9.54 0.54
C ARG A 13 -2.48 8.92 -0.71
N LEU A 14 -1.63 8.27 -1.51
CA LEU A 14 -2.08 7.63 -2.72
C LEU A 14 -3.09 6.54 -2.42
N ALA A 15 -2.84 5.78 -1.35
CA ALA A 15 -3.74 4.70 -0.96
C ALA A 15 -5.14 5.24 -0.71
N LYS A 16 -5.21 6.44 -0.15
CA LYS A 16 -6.49 7.08 0.14
C LYS A 16 -7.12 7.65 -1.13
N GLU A 17 -6.26 8.11 -2.05
CA GLU A 17 -6.73 8.68 -3.31
C GLU A 17 -7.05 7.57 -4.32
N LEU A 18 -6.48 6.40 -4.10
CA LEU A 18 -6.69 5.25 -4.98
C LEU A 18 -7.83 4.39 -4.46
N GLY A 19 -8.05 4.43 -3.16
CA GLY A 19 -9.09 3.63 -2.56
C GLY A 19 -8.69 2.18 -2.42
N ILE A 20 -7.45 1.95 -2.02
CA ILE A 20 -6.94 0.60 -1.86
C ILE A 20 -6.57 0.32 -0.40
N ASP A 21 -7.02 -0.84 0.10
CA ASP A 21 -6.75 -1.22 1.47
C ASP A 21 -5.25 -1.31 1.72
N ALA A 22 -4.68 -0.29 2.34
CA ALA A 22 -3.25 -0.26 2.64
C ALA A 22 -2.88 -1.43 3.55
N SER A 23 -3.71 -1.68 4.55
CA SER A 23 -3.48 -2.77 5.49
C SER A 23 -3.36 -4.08 4.73
N LYS A 24 -4.30 -4.31 3.81
CA LYS A 24 -4.28 -5.53 3.01
C LYS A 24 -2.97 -5.56 2.21
N VAL A 25 -2.43 -4.38 1.93
CA VAL A 25 -1.18 -4.25 1.21
C VAL A 25 -0.01 -4.39 2.17
N LYS A 26 0.40 -5.64 2.43
CA LYS A 26 1.50 -5.91 3.35
C LYS A 26 2.74 -5.08 3.02
N GLY A 27 2.83 -3.91 3.63
CA GLY A 27 3.96 -3.03 3.40
C GLY A 27 5.29 -3.69 3.74
N THR A 28 6.28 -3.49 2.88
CA THR A 28 7.61 -4.06 3.09
C THR A 28 8.66 -2.95 3.23
N GLY A 29 8.21 -1.73 3.46
CA GLY A 29 9.13 -0.61 3.61
C GLY A 29 9.81 -0.60 4.97
N PRO A 30 10.96 0.07 5.08
CA PRO A 30 11.72 0.17 6.33
C PRO A 30 10.84 0.45 7.54
N GLY A 31 10.57 -0.58 8.33
CA GLY A 31 9.74 -0.42 9.51
C GLY A 31 8.31 -0.87 9.26
N GLY A 32 8.13 -1.74 8.27
CA GLY A 32 6.80 -2.23 7.95
C GLY A 32 5.94 -1.18 7.28
N VAL A 33 6.57 -0.17 6.68
CA VAL A 33 5.82 0.89 6.01
C VAL A 33 5.47 0.50 4.58
N ILE A 34 4.19 0.55 4.25
CA ILE A 34 3.78 0.24 2.89
C ILE A 34 4.39 1.25 1.95
N THR A 35 5.33 0.80 1.13
CA THR A 35 6.01 1.70 0.23
C THR A 35 5.14 2.08 -0.95
N VAL A 36 5.45 3.22 -1.54
CA VAL A 36 4.70 3.73 -2.67
C VAL A 36 4.62 2.69 -3.78
N GLU A 37 5.73 2.04 -4.04
CA GLU A 37 5.78 1.00 -5.06
C GLU A 37 4.91 -0.18 -4.66
N ASP A 38 4.73 -0.35 -3.36
CA ASP A 38 3.90 -1.44 -2.84
C ASP A 38 2.44 -1.18 -3.16
N VAL A 39 1.99 0.04 -2.92
CA VAL A 39 0.60 0.42 -3.18
C VAL A 39 0.34 0.57 -4.68
N LYS A 40 1.27 1.24 -5.36
CA LYS A 40 1.13 1.49 -6.79
C LYS A 40 1.03 0.19 -7.58
N ARG A 41 1.89 -0.76 -7.25
CA ARG A 41 1.90 -2.04 -7.94
C ARG A 41 0.74 -2.92 -7.49
N TRP A 42 0.46 -2.93 -6.19
CA TRP A 42 -0.63 -3.73 -5.66
C TRP A 42 -1.99 -3.22 -6.15
N ALA A 43 -2.16 -1.91 -6.18
CA ALA A 43 -3.40 -1.30 -6.61
C ALA A 43 -3.60 -1.45 -8.12
N GLU A 44 -2.54 -1.17 -8.87
CA GLU A 44 -2.61 -1.27 -10.33
C GLU A 44 -2.90 -2.70 -10.76
N GLU A 45 -2.34 -3.66 -10.03
CA GLU A 45 -2.56 -5.07 -10.35
C GLU A 45 -4.04 -5.41 -10.38
N THR A 46 -4.76 -4.91 -9.39
CA THR A 46 -6.20 -5.14 -9.28
C THR A 46 -6.91 -4.71 -10.56
N ALA A 47 -6.65 -3.48 -10.98
CA ALA A 47 -7.25 -2.94 -12.19
C ALA A 47 -6.64 -3.60 -13.43
N LYS A 48 -5.41 -4.08 -13.27
CA LYS A 48 -4.70 -4.75 -14.35
C LYS A 48 -5.36 -6.07 -14.72
N ALA A 49 -5.81 -6.78 -13.69
CA ALA A 49 -6.46 -8.08 -13.88
C ALA A 49 -7.89 -7.90 -14.37
N THR A 50 -8.62 -6.99 -13.73
CA THR A 50 -10.01 -6.72 -14.10
C THR A 50 -10.08 -5.93 -15.40
N ALA A 51 -10.58 -6.58 -16.45
CA ALA A 51 -10.70 -5.92 -17.75
C ALA A 51 -12.16 -5.67 -18.11
N GLY A 1 -0.69 -9.31 19.80
CA GLY A 1 -1.64 -10.02 18.91
C GLY A 1 -2.09 -9.17 17.73
N SER A 2 -2.50 -7.94 18.02
CA SER A 2 -2.95 -7.02 16.98
C SER A 2 -1.84 -6.75 15.98
N ARG A 3 -0.79 -6.10 16.43
CA ARG A 3 0.35 -5.78 15.56
C ARG A 3 -0.10 -4.90 14.39
N GLU A 4 0.12 -3.59 14.52
CA GLU A 4 -0.25 -2.66 13.47
C GLU A 4 0.83 -2.56 12.41
N VAL A 5 0.45 -2.11 11.22
CA VAL A 5 1.39 -1.98 10.11
C VAL A 5 1.68 -0.51 9.82
N ALA A 6 2.87 -0.23 9.33
CA ALA A 6 3.26 1.14 9.00
C ALA A 6 2.82 1.50 7.58
N ALA A 7 2.72 2.79 7.32
CA ALA A 7 2.31 3.27 6.00
C ALA A 7 2.82 4.68 5.76
N MET A 8 3.96 4.80 5.09
CA MET A 8 4.54 6.11 4.80
C MET A 8 3.47 7.06 4.23
N PRO A 9 3.76 8.36 4.14
CA PRO A 9 2.82 9.37 3.64
C PRO A 9 2.48 9.16 2.17
N ALA A 10 3.51 8.97 1.36
CA ALA A 10 3.33 8.78 -0.08
C ALA A 10 2.35 7.64 -0.37
N ALA A 11 2.61 6.48 0.24
CA ALA A 11 1.76 5.31 0.04
C ALA A 11 0.39 5.51 0.68
N ARG A 12 0.37 6.25 1.78
CA ARG A 12 -0.88 6.52 2.48
C ARG A 12 -1.77 7.45 1.65
N ARG A 13 -1.16 8.53 1.19
CA ARG A 13 -1.87 9.51 0.38
C ARG A 13 -2.48 8.86 -0.86
N LEU A 14 -1.64 8.18 -1.63
CA LEU A 14 -2.10 7.51 -2.83
C LEU A 14 -3.11 6.42 -2.49
N ALA A 15 -2.85 5.69 -1.41
CA ALA A 15 -3.74 4.61 -0.99
C ALA A 15 -5.14 5.16 -0.72
N LYS A 16 -5.19 6.37 -0.17
CA LYS A 16 -6.46 7.02 0.14
C LYS A 16 -7.11 7.58 -1.13
N GLU A 17 -6.27 8.00 -2.08
CA GLU A 17 -6.75 8.55 -3.34
C GLU A 17 -7.12 7.44 -4.32
N LEU A 18 -6.55 6.26 -4.10
CA LEU A 18 -6.82 5.10 -4.94
C LEU A 18 -7.94 4.26 -4.38
N GLY A 19 -8.09 4.29 -3.05
CA GLY A 19 -9.12 3.51 -2.39
C GLY A 19 -8.71 2.07 -2.21
N ILE A 20 -7.47 1.86 -1.79
CA ILE A 20 -6.94 0.52 -1.59
C ILE A 20 -6.52 0.32 -0.14
N ASP A 21 -7.01 -0.75 0.48
CA ASP A 21 -6.68 -1.05 1.87
C ASP A 21 -5.17 -1.22 2.04
N ALA A 22 -4.51 -0.19 2.55
CA ALA A 22 -3.07 -0.23 2.76
C ALA A 22 -2.69 -1.40 3.66
N SER A 23 -3.49 -1.63 4.70
CA SER A 23 -3.22 -2.73 5.63
C SER A 23 -3.13 -4.05 4.88
N LYS A 24 -4.13 -4.31 4.04
CA LYS A 24 -4.14 -5.52 3.23
C LYS A 24 -2.87 -5.58 2.39
N VAL A 25 -2.33 -4.40 2.07
CA VAL A 25 -1.10 -4.30 1.30
C VAL A 25 0.11 -4.44 2.23
N LYS A 26 0.51 -5.69 2.48
CA LYS A 26 1.63 -5.97 3.36
C LYS A 26 2.86 -5.16 2.96
N GLY A 27 3.01 -3.99 3.58
CA GLY A 27 4.14 -3.12 3.29
C GLY A 27 5.47 -3.72 3.72
N THR A 28 6.49 -3.51 2.91
CA THR A 28 7.83 -4.01 3.21
C THR A 28 8.84 -2.87 3.38
N GLY A 29 8.32 -1.66 3.52
CA GLY A 29 9.19 -0.50 3.69
C GLY A 29 9.83 -0.45 5.06
N PRO A 30 10.98 0.24 5.19
CA PRO A 30 11.71 0.37 6.46
C PRO A 30 10.80 0.65 7.63
N GLY A 31 10.55 -0.37 8.44
CA GLY A 31 9.68 -0.22 9.59
C GLY A 31 8.27 -0.71 9.33
N GLY A 32 8.14 -1.60 8.36
CA GLY A 32 6.83 -2.14 8.02
C GLY A 32 5.95 -1.12 7.33
N VAL A 33 6.56 -0.10 6.72
CA VAL A 33 5.78 0.93 6.03
C VAL A 33 5.47 0.51 4.61
N ILE A 34 4.20 0.54 4.24
CA ILE A 34 3.81 0.20 2.88
C ILE A 34 4.41 1.21 1.93
N THR A 35 5.36 0.76 1.13
CA THR A 35 6.04 1.65 0.21
C THR A 35 5.17 2.00 -0.98
N VAL A 36 5.47 3.13 -1.61
CA VAL A 36 4.71 3.59 -2.76
C VAL A 36 4.63 2.53 -3.83
N GLU A 37 5.76 1.87 -4.07
CA GLU A 37 5.84 0.82 -5.07
C GLU A 37 4.95 -0.35 -4.66
N ASP A 38 4.76 -0.50 -3.35
CA ASP A 38 3.92 -1.56 -2.81
C ASP A 38 2.45 -1.31 -3.13
N VAL A 39 2.01 -0.08 -2.88
CA VAL A 39 0.62 0.28 -3.15
C VAL A 39 0.37 0.41 -4.65
N LYS A 40 1.34 0.99 -5.36
CA LYS A 40 1.22 1.18 -6.80
C LYS A 40 1.03 -0.16 -7.52
N ARG A 41 1.91 -1.10 -7.20
CA ARG A 41 1.85 -2.43 -7.82
C ARG A 41 0.62 -3.22 -7.37
N TRP A 42 0.31 -3.12 -6.08
CA TRP A 42 -0.84 -3.84 -5.52
C TRP A 42 -2.16 -3.28 -6.07
N ALA A 43 -2.30 -1.96 -6.02
CA ALA A 43 -3.52 -1.31 -6.51
C ALA A 43 -3.66 -1.45 -8.01
N GLU A 44 -2.57 -1.19 -8.74
CA GLU A 44 -2.59 -1.29 -10.20
C GLU A 44 -2.98 -2.69 -10.64
N GLU A 45 -2.43 -3.69 -9.95
CA GLU A 45 -2.72 -5.08 -10.26
C GLU A 45 -4.23 -5.33 -10.32
N THR A 46 -4.99 -4.52 -9.60
CA THR A 46 -6.44 -4.65 -9.57
C THR A 46 -7.05 -4.16 -10.89
N ALA A 47 -6.68 -2.96 -11.30
CA ALA A 47 -7.18 -2.39 -12.55
C ALA A 47 -6.45 -3.00 -13.74
N LYS A 48 -5.31 -3.62 -13.48
CA LYS A 48 -4.51 -4.24 -14.53
C LYS A 48 -5.11 -5.58 -14.94
N ALA A 49 -5.74 -6.26 -13.98
CA ALA A 49 -6.37 -7.55 -14.23
C ALA A 49 -7.83 -7.38 -14.65
N THR A 50 -8.06 -6.57 -15.67
CA THR A 50 -9.42 -6.33 -16.16
C THR A 50 -9.50 -6.56 -17.67
N ALA A 51 -10.64 -7.08 -18.11
CA ALA A 51 -10.85 -7.36 -19.53
C ALA A 51 -10.91 -6.06 -20.33
N GLY A 1 4.42 -11.88 13.62
CA GLY A 1 3.40 -11.88 14.71
C GLY A 1 2.63 -10.58 14.77
N SER A 2 1.93 -10.36 15.88
CA SER A 2 1.14 -9.15 16.07
C SER A 2 2.06 -7.95 16.34
N ARG A 3 2.29 -7.15 15.32
CA ARG A 3 3.14 -5.96 15.45
C ARG A 3 2.43 -4.72 14.94
N GLU A 4 3.17 -3.62 14.80
CA GLU A 4 2.60 -2.37 14.32
C GLU A 4 2.71 -2.27 12.81
N VAL A 5 1.62 -1.86 12.17
CA VAL A 5 1.60 -1.71 10.72
C VAL A 5 1.97 -0.30 10.31
N ALA A 6 3.10 -0.15 9.63
CA ALA A 6 3.55 1.15 9.18
C ALA A 6 3.06 1.46 7.77
N ALA A 7 2.85 2.74 7.50
CA ALA A 7 2.40 3.18 6.20
C ALA A 7 2.87 4.60 5.91
N MET A 8 4.02 4.72 5.22
CA MET A 8 4.58 6.03 4.90
C MET A 8 3.49 6.97 4.37
N PRO A 9 3.78 8.28 4.31
CA PRO A 9 2.81 9.29 3.84
C PRO A 9 2.47 9.13 2.37
N ALA A 10 3.48 8.97 1.54
CA ALA A 10 3.28 8.81 0.11
C ALA A 10 2.31 7.68 -0.20
N ALA A 11 2.58 6.50 0.37
CA ALA A 11 1.73 5.34 0.16
C ALA A 11 0.36 5.51 0.82
N ARG A 12 0.35 6.21 1.95
CA ARG A 12 -0.88 6.47 2.68
C ARG A 12 -1.78 7.40 1.90
N ARG A 13 -1.21 8.51 1.45
CA ARG A 13 -1.94 9.50 0.68
C ARG A 13 -2.54 8.89 -0.57
N LEU A 14 -1.69 8.28 -1.39
CA LEU A 14 -2.14 7.66 -2.62
C LEU A 14 -3.14 6.54 -2.33
N ALA A 15 -2.87 5.76 -1.29
CA ALA A 15 -3.75 4.67 -0.91
C ALA A 15 -5.18 5.17 -0.69
N LYS A 16 -5.30 6.31 -0.02
CA LYS A 16 -6.60 6.90 0.26
C LYS A 16 -7.18 7.56 -1.00
N GLU A 17 -6.30 8.04 -1.87
CA GLU A 17 -6.72 8.70 -3.11
C GLU A 17 -7.12 7.66 -4.17
N LEU A 18 -6.56 6.45 -4.04
CA LEU A 18 -6.84 5.39 -4.98
C LEU A 18 -8.03 4.54 -4.51
N GLY A 19 -8.21 4.48 -3.20
CA GLY A 19 -9.31 3.73 -2.63
C GLY A 19 -8.92 2.31 -2.25
N ILE A 20 -7.69 2.13 -1.78
CA ILE A 20 -7.22 0.81 -1.39
C ILE A 20 -6.85 0.78 0.10
N ASP A 21 -7.07 -0.38 0.72
CA ASP A 21 -6.74 -0.56 2.13
C ASP A 21 -5.26 -0.86 2.30
N ALA A 22 -4.48 0.14 2.68
CA ALA A 22 -3.06 -0.04 2.87
C ALA A 22 -2.75 -1.28 3.71
N SER A 23 -3.64 -1.58 4.64
CA SER A 23 -3.48 -2.76 5.49
C SER A 23 -3.54 -4.02 4.65
N LYS A 24 -4.37 -4.00 3.61
CA LYS A 24 -4.49 -5.13 2.71
C LYS A 24 -3.23 -5.21 1.84
N VAL A 25 -2.50 -4.10 1.77
CA VAL A 25 -1.26 -4.02 1.02
C VAL A 25 -0.06 -4.24 1.93
N LYS A 26 0.32 -5.51 2.10
CA LYS A 26 1.45 -5.87 2.96
C LYS A 26 2.69 -5.04 2.62
N GLY A 27 2.92 -3.99 3.40
CA GLY A 27 4.06 -3.12 3.18
C GLY A 27 5.39 -3.78 3.50
N THR A 28 6.40 -3.50 2.69
CA THR A 28 7.72 -4.05 2.90
C THR A 28 8.77 -2.95 3.15
N GLY A 29 8.28 -1.73 3.38
CA GLY A 29 9.18 -0.61 3.62
C GLY A 29 9.85 -0.69 4.98
N PRO A 30 11.05 -0.09 5.13
CA PRO A 30 11.79 -0.10 6.40
C PRO A 30 10.92 0.23 7.60
N GLY A 31 10.73 -0.75 8.47
CA GLY A 31 9.90 -0.55 9.65
C GLY A 31 8.48 -1.01 9.44
N GLY A 32 8.23 -1.70 8.33
CA GLY A 32 6.90 -2.18 8.04
C GLY A 32 6.03 -1.14 7.36
N VAL A 33 6.67 -0.15 6.72
CA VAL A 33 5.91 0.89 6.05
C VAL A 33 5.57 0.49 4.62
N ILE A 34 4.28 0.52 4.30
CA ILE A 34 3.85 0.19 2.94
C ILE A 34 4.44 1.23 2.00
N THR A 35 5.38 0.80 1.17
CA THR A 35 6.04 1.71 0.25
C THR A 35 5.15 2.09 -0.91
N VAL A 36 5.45 3.24 -1.50
CA VAL A 36 4.69 3.74 -2.64
C VAL A 36 4.63 2.72 -3.75
N GLU A 37 5.76 2.07 -4.00
CA GLU A 37 5.84 1.05 -5.04
C GLU A 37 4.94 -0.12 -4.70
N ASP A 38 4.71 -0.32 -3.40
CA ASP A 38 3.87 -1.41 -2.92
C ASP A 38 2.40 -1.14 -3.24
N VAL A 39 1.92 0.03 -2.85
CA VAL A 39 0.53 0.39 -3.08
C VAL A 39 0.24 0.48 -4.58
N LYS A 40 1.09 1.19 -5.31
CA LYS A 40 0.90 1.36 -6.74
C LYS A 40 0.86 0.02 -7.46
N ARG A 41 1.87 -0.82 -7.20
CA ARG A 41 1.95 -2.13 -7.82
C ARG A 41 0.70 -2.94 -7.49
N TRP A 42 0.21 -2.80 -6.27
CA TRP A 42 -0.99 -3.52 -5.84
C TRP A 42 -2.23 -3.00 -6.56
N ALA A 43 -2.38 -1.67 -6.58
CA ALA A 43 -3.52 -1.05 -7.24
C ALA A 43 -3.58 -1.41 -8.72
N GLU A 44 -2.44 -1.34 -9.39
CA GLU A 44 -2.37 -1.67 -10.81
C GLU A 44 -2.67 -3.13 -11.04
N GLU A 45 -2.17 -3.98 -10.16
CA GLU A 45 -2.38 -5.43 -10.27
C GLU A 45 -3.86 -5.75 -10.26
N THR A 46 -4.64 -4.94 -9.55
CA THR A 46 -6.08 -5.14 -9.46
C THR A 46 -6.76 -4.84 -10.80
N ALA A 47 -6.47 -3.66 -11.34
CA ALA A 47 -7.03 -3.26 -12.62
C ALA A 47 -6.44 -4.09 -13.76
N LYS A 48 -5.19 -4.51 -13.57
CA LYS A 48 -4.49 -5.31 -14.56
C LYS A 48 -5.18 -6.66 -14.75
N ALA A 49 -5.78 -7.16 -13.67
CA ALA A 49 -6.48 -8.44 -13.71
C ALA A 49 -7.97 -8.25 -13.97
N THR A 50 -8.40 -8.54 -15.19
CA THR A 50 -9.80 -8.40 -15.57
C THR A 50 -10.20 -9.48 -16.57
N ALA A 51 -9.41 -9.62 -17.63
CA ALA A 51 -9.69 -10.62 -18.66
C ALA A 51 -9.30 -12.01 -18.20
#